data_3HG2
#
_entry.id   3HG2
#
_cell.length_a   90.813
_cell.length_b   90.813
_cell.length_c   217.166
_cell.angle_alpha   90.000
_cell.angle_beta   90.000
_cell.angle_gamma   120.000
#
_symmetry.space_group_name_H-M   'P 32 2 1'
#
loop_
_entity.id
_entity.type
_entity.pdbx_description
1 polymer 'Alpha-galactosidase A'
2 branched alpha-L-fucopyranose-(1-6)-2-acetamido-2-deoxy-beta-D-glucopyranose
3 branched beta-D-mannopyranose-(1-4)-2-acetamido-2-deoxy-beta-D-glucopyranose-(1-4)-2-acetamido-2-deoxy-beta-D-glucopyranose
4 non-polymer 2-acetamido-2-deoxy-beta-D-glucopyranose
5 non-polymer 'SULFATE ION'
6 non-polymer 'ACETIC ACID'
7 non-polymer beta-D-galactopyranose
8 water water
#
_entity_poly.entity_id   1
_entity_poly.type   'polypeptide(L)'
_entity_poly.pdbx_seq_one_letter_code
;LDNGLARTPTMGWLHWERFMCNLDCQEEPDSCISEKLFMEMAELMVSEGWKDAGYEYLCIDDCWMAPQRDSEGRLQADPQ
RFPHGIRQLANYVHSKGLKLGIYADVGNKTCAGFPGSFGYYDIDAQTFADWGVDLLKFDGCYCDSLENLADGYKHMSLAL
NRTGRSIVYSCEWPLYMWPFQKPNYTEIRQYCNHWRNFADIDDSWKSIKSILDWTSFNQERIVDVAGPGGWNDPDMLVIG
NFGLSWNQQVTQMALWAIMAAPLFMSNDLRHISPQAKALLQDKDVIAINQDPLGKQGYQLRQGDNFEVWERPLSGLAWAV
AMINRQEIGGPRSYTIAVASLGKGVACNPACFITQLLPVKRKLGFYEWTSRLRSHINPTGTVLLQLENTMQMSLKDLL
;
_entity_poly.pdbx_strand_id   A,B
#
loop_
_chem_comp.id
_chem_comp.type
_chem_comp.name
_chem_comp.formula
ACY non-polymer 'ACETIC ACID' 'C2 H4 O2'
BMA D-saccharide, beta linking beta-D-mannopyranose 'C6 H12 O6'
FUC L-saccharide, alpha linking alpha-L-fucopyranose 'C6 H12 O5'
GAL D-saccharide, beta linking beta-D-galactopyranose 'C6 H12 O6'
NAG D-saccharide, beta linking 2-acetamido-2-deoxy-beta-D-glucopyranose 'C8 H15 N O6'
SO4 non-polymer 'SULFATE ION' 'O4 S -2'
#
# COMPACT_ATOMS: atom_id res chain seq x y z
N LEU A 1 -9.61 17.94 -28.92
CA LEU A 1 -10.84 18.69 -29.33
C LEU A 1 -10.56 20.18 -29.40
N ASP A 2 -10.82 20.78 -30.57
CA ASP A 2 -10.53 22.19 -30.82
C ASP A 2 -11.68 23.10 -30.35
N ASN A 3 -11.98 23.06 -29.05
CA ASN A 3 -13.03 23.91 -28.47
C ASN A 3 -12.47 25.02 -27.57
N GLY A 4 -11.16 25.24 -27.62
CA GLY A 4 -10.47 26.21 -26.77
C GLY A 4 -10.41 25.82 -25.29
N LEU A 5 -10.74 24.57 -24.98
CA LEU A 5 -10.74 24.08 -23.59
C LEU A 5 -9.67 23.04 -23.37
N ALA A 6 -9.44 22.72 -22.09
CA ALA A 6 -8.41 21.76 -21.68
C ALA A 6 -7.08 22.02 -22.38
N ARG A 7 -6.68 23.29 -22.42
CA ARG A 7 -5.40 23.70 -22.99
C ARG A 7 -4.24 23.21 -22.10
N THR A 8 -4.52 23.05 -20.81
CA THR A 8 -3.69 22.24 -19.92
C THR A 8 -4.61 21.15 -19.37
N PRO A 9 -4.06 20.02 -18.87
CA PRO A 9 -4.94 18.97 -18.34
C PRO A 9 -5.93 19.49 -17.28
N THR A 10 -7.20 19.08 -17.40
CA THR A 10 -8.25 19.49 -16.46
C THR A 10 -7.92 19.08 -15.02
N MET A 11 -8.21 19.98 -14.09
CA MET A 11 -8.00 19.72 -12.68
C MET A 11 -9.30 19.90 -11.92
N GLY A 12 -9.60 18.94 -11.05
CA GLY A 12 -10.78 19.04 -10.20
C GLY A 12 -10.96 17.89 -9.24
N TRP A 13 -12.22 17.62 -8.92
CA TRP A 13 -12.60 16.58 -7.98
C TRP A 13 -13.76 15.80 -8.60
N LEU A 14 -13.71 14.49 -8.46
CA LEU A 14 -14.72 13.60 -9.05
C LEU A 14 -15.10 12.58 -8.00
N HIS A 15 -16.39 12.37 -7.80
CA HIS A 15 -16.86 11.61 -6.62
C HIS A 15 -16.61 10.10 -6.67
N TRP A 16 -16.42 9.55 -7.87
CA TRP A 16 -16.59 8.12 -8.09
C TRP A 16 -15.82 7.15 -7.19
N GLU A 17 -14.49 7.25 -7.16
CA GLU A 17 -13.68 6.24 -6.47
C GLU A 17 -13.99 6.19 -4.98
N ARG A 18 -14.07 7.36 -4.35
CA ARG A 18 -14.30 7.44 -2.91
C ARG A 18 -15.77 7.20 -2.51
N PHE A 19 -16.71 7.72 -3.28
CA PHE A 19 -18.13 7.73 -2.87
C PHE A 19 -19.05 6.78 -3.63
N MET A 20 -18.64 6.43 -4.85
CA MET A 20 -19.25 5.33 -5.60
C MET A 20 -20.72 5.61 -5.91
N CYS A 21 -21.57 4.59 -5.75
CA CYS A 21 -22.99 4.69 -6.02
C CYS A 21 -23.81 4.52 -4.74
N ASN A 22 -23.43 5.27 -3.70
CA ASN A 22 -24.11 5.21 -2.41
C ASN A 22 -25.41 6.01 -2.43
N LEU A 23 -26.53 5.29 -2.40
CA LEU A 23 -27.85 5.91 -2.46
C LEU A 23 -28.51 5.92 -1.08
N ASP A 24 -27.81 5.40 -0.08
CA ASP A 24 -28.37 5.25 1.25
C ASP A 24 -28.25 6.53 2.08
N CYS A 25 -29.08 7.53 1.74
CA CYS A 25 -29.04 8.81 2.45
C CYS A 25 -29.70 8.74 3.82
N GLN A 26 -30.43 7.66 4.06
CA GLN A 26 -31.13 7.45 5.32
C GLN A 26 -30.15 6.99 6.40
N GLU A 27 -29.32 6.01 6.08
CA GLU A 27 -28.34 5.49 7.04
C GLU A 27 -27.02 6.24 6.97
N GLU A 28 -26.69 6.76 5.77
CA GLU A 28 -25.41 7.41 5.53
C GLU A 28 -25.58 8.76 4.82
N PRO A 29 -26.21 9.74 5.49
CA PRO A 29 -26.53 11.02 4.86
C PRO A 29 -25.30 11.85 4.46
N ASP A 30 -24.17 11.59 5.11
CA ASP A 30 -22.94 12.36 4.86
C ASP A 30 -22.10 11.83 3.71
N SER A 31 -22.33 10.60 3.29
CA SER A 31 -21.56 10.01 2.19
C SER A 31 -22.38 9.51 0.99
N CYS A 32 -23.70 9.59 1.07
CA CYS A 32 -24.54 9.27 -0.09
C CYS A 32 -24.37 10.32 -1.19
N ILE A 33 -24.65 9.92 -2.43
CA ILE A 33 -24.53 10.83 -3.57
C ILE A 33 -25.71 11.80 -3.57
N SER A 34 -25.44 13.03 -3.15
CA SER A 34 -26.49 14.01 -2.93
C SER A 34 -25.97 15.41 -3.20
N GLU A 35 -26.91 16.34 -3.38
CA GLU A 35 -26.65 17.77 -3.48
C GLU A 35 -25.78 18.27 -2.33
N LYS A 36 -26.10 17.84 -1.11
CA LYS A 36 -25.33 18.20 0.07
C LYS A 36 -23.86 17.83 -0.04
N LEU A 37 -23.56 16.61 -0.48
CA LEU A 37 -22.17 16.17 -0.67
C LEU A 37 -21.38 17.14 -1.54
N PHE A 38 -21.95 17.48 -2.70
CA PHE A 38 -21.29 18.38 -3.64
C PHE A 38 -21.17 19.81 -3.14
N MET A 39 -22.14 20.26 -2.34
CA MET A 39 -22.05 21.56 -1.67
C MET A 39 -20.91 21.61 -0.67
N GLU A 40 -20.76 20.55 0.11
CA GLU A 40 -19.69 20.45 1.12
C GLU A 40 -18.31 20.47 0.47
N MET A 41 -18.15 19.71 -0.61
CA MET A 41 -16.89 19.70 -1.35
C MET A 41 -16.58 21.05 -1.97
N ALA A 42 -17.60 21.67 -2.59
CA ALA A 42 -17.46 23.00 -3.20
C ALA A 42 -16.94 24.04 -2.21
N GLU A 43 -17.50 24.03 -1.00
CA GLU A 43 -17.09 24.94 0.07
C GLU A 43 -15.63 24.71 0.47
N LEU A 44 -15.23 23.45 0.59
CA LEU A 44 -13.87 23.11 0.97
C LEU A 44 -12.86 23.36 -0.14
N MET A 45 -13.29 23.22 -1.40
CA MET A 45 -12.43 23.53 -2.53
C MET A 45 -11.99 24.99 -2.51
N VAL A 46 -12.89 25.88 -2.09
CA VAL A 46 -12.57 27.29 -1.91
C VAL A 46 -11.78 27.52 -0.61
N SER A 47 -12.35 27.09 0.51
CA SER A 47 -11.82 27.43 1.83
C SER A 47 -10.48 26.75 2.16
N GLU A 48 -10.21 25.60 1.56
CA GLU A 48 -8.99 24.85 1.86
C GLU A 48 -7.90 24.93 0.78
N GLY A 49 -8.01 25.95 -0.08
CA GLY A 49 -6.96 26.26 -1.06
C GLY A 49 -6.85 25.35 -2.29
N TRP A 50 -7.88 24.54 -2.55
CA TRP A 50 -7.85 23.62 -3.69
C TRP A 50 -8.02 24.36 -5.01
N LYS A 51 -8.95 25.32 -5.00
CA LYS A 51 -9.22 26.17 -6.15
C LYS A 51 -8.01 27.05 -6.45
N ASP A 52 -7.40 27.60 -5.41
CA ASP A 52 -6.17 28.39 -5.52
C ASP A 52 -5.06 27.58 -6.20
N ALA A 53 -5.01 26.28 -5.94
CA ALA A 53 -3.99 25.40 -6.49
C ALA A 53 -4.28 24.97 -7.94
N GLY A 54 -5.51 25.21 -8.40
CA GLY A 54 -5.89 24.90 -9.77
C GLY A 54 -7.06 23.95 -9.93
N TYR A 55 -7.48 23.31 -8.84
CA TYR A 55 -8.62 22.38 -8.89
C TYR A 55 -9.93 23.17 -9.05
N GLU A 56 -10.43 23.19 -10.28
CA GLU A 56 -11.51 24.09 -10.70
C GLU A 56 -12.85 23.38 -10.96
N TYR A 57 -12.80 22.12 -11.38
CA TYR A 57 -13.99 21.38 -11.76
C TYR A 57 -14.50 20.43 -10.67
N LEU A 58 -15.66 20.76 -10.11
CA LEU A 58 -16.34 19.88 -9.18
C LEU A 58 -17.29 18.99 -9.97
N CYS A 59 -17.01 17.68 -9.97
CA CYS A 59 -17.63 16.77 -10.92
C CYS A 59 -18.46 15.68 -10.28
N ILE A 60 -19.70 15.57 -10.78
CA ILE A 60 -20.60 14.48 -10.46
C ILE A 60 -20.31 13.31 -11.42
N ASP A 61 -20.22 12.10 -10.86
CA ASP A 61 -20.05 10.90 -11.66
C ASP A 61 -21.43 10.21 -11.74
N ASP A 62 -21.45 8.87 -11.85
CA ASP A 62 -22.70 8.12 -11.97
C ASP A 62 -23.54 8.22 -10.71
N CYS A 63 -24.83 7.89 -10.84
CA CYS A 63 -25.77 7.78 -9.71
C CYS A 63 -26.30 9.13 -9.18
N TRP A 64 -26.47 10.09 -10.08
CA TRP A 64 -27.12 11.35 -9.77
C TRP A 64 -28.56 11.38 -10.30
N MET A 65 -28.81 10.55 -11.31
CA MET A 65 -30.08 10.55 -12.06
C MET A 65 -31.26 9.94 -11.32
N ALA A 66 -32.47 10.43 -11.63
CA ALA A 66 -33.71 9.74 -11.28
C ALA A 66 -33.81 8.49 -12.15
N PRO A 67 -34.54 7.46 -11.69
CA PRO A 67 -34.68 6.20 -12.44
C PRO A 67 -35.16 6.36 -13.89
N GLN A 68 -35.95 7.40 -14.14
CA GLN A 68 -36.51 7.65 -15.46
C GLN A 68 -36.41 9.12 -15.88
N ARG A 69 -36.50 9.36 -17.18
CA ARG A 69 -36.58 10.69 -17.75
C ARG A 69 -37.90 11.34 -17.36
N ASP A 70 -37.98 12.67 -17.43
CA ASP A 70 -39.23 13.36 -17.12
C ASP A 70 -40.27 13.19 -18.25
N SER A 71 -41.39 13.89 -18.13
CA SER A 71 -42.49 13.81 -19.10
C SER A 71 -42.16 14.47 -20.44
N GLU A 72 -41.03 15.18 -20.48
CA GLU A 72 -40.55 15.83 -21.69
C GLU A 72 -39.39 15.05 -22.33
N GLY A 73 -39.03 13.93 -21.71
CA GLY A 73 -37.97 13.06 -22.21
C GLY A 73 -36.56 13.53 -21.88
N ARG A 74 -36.45 14.40 -20.88
CA ARG A 74 -35.15 14.92 -20.43
C ARG A 74 -34.65 14.14 -19.22
N LEU A 75 -33.33 14.04 -19.10
CA LEU A 75 -32.70 13.52 -17.88
C LEU A 75 -33.05 14.43 -16.70
N GLN A 76 -33.27 13.83 -15.54
CA GLN A 76 -33.52 14.61 -14.33
C GLN A 76 -32.72 14.04 -13.15
N ALA A 77 -32.28 14.94 -12.28
CA ALA A 77 -31.59 14.55 -11.05
C ALA A 77 -32.60 13.91 -10.11
N ASP A 78 -32.11 13.02 -9.24
CA ASP A 78 -32.96 12.35 -8.28
C ASP A 78 -33.66 13.39 -7.41
N PRO A 79 -35.00 13.32 -7.30
CA PRO A 79 -35.77 14.35 -6.61
C PRO A 79 -35.51 14.45 -5.08
N GLN A 80 -35.15 13.34 -4.46
CA GLN A 80 -34.85 13.34 -3.02
C GLN A 80 -33.38 13.71 -2.72
N ARG A 81 -32.45 13.20 -3.53
CA ARG A 81 -31.02 13.40 -3.30
C ARG A 81 -30.50 14.71 -3.88
N PHE A 82 -31.18 15.20 -4.93
CA PHE A 82 -30.85 16.47 -5.55
C PHE A 82 -32.11 17.32 -5.65
N PRO A 83 -32.68 17.73 -4.50
CA PRO A 83 -34.02 18.34 -4.49
C PRO A 83 -34.14 19.65 -5.27
N HIS A 84 -33.05 20.39 -5.40
CA HIS A 84 -33.07 21.68 -6.11
C HIS A 84 -32.77 21.59 -7.60
N GLY A 85 -32.29 20.43 -8.05
CA GLY A 85 -31.98 20.21 -9.45
C GLY A 85 -30.55 20.59 -9.78
N ILE A 86 -30.11 20.22 -10.98
CA ILE A 86 -28.71 20.45 -11.37
C ILE A 86 -28.46 21.92 -11.70
N ARG A 87 -29.39 22.55 -12.42
CA ARG A 87 -29.25 23.97 -12.76
C ARG A 87 -28.97 24.81 -11.50
N GLN A 88 -29.72 24.56 -10.43
CA GLN A 88 -29.51 25.23 -9.15
C GLN A 88 -28.17 24.91 -8.49
N LEU A 89 -27.72 23.66 -8.63
CA LEU A 89 -26.41 23.27 -8.10
C LEU A 89 -25.28 23.97 -8.85
N ALA A 90 -25.41 24.08 -10.16
CA ALA A 90 -24.44 24.80 -10.99
C ALA A 90 -24.41 26.28 -10.65
N ASN A 91 -25.57 26.86 -10.39
CA ASN A 91 -25.65 28.25 -9.90
C ASN A 91 -24.81 28.44 -8.64
N TYR A 92 -24.96 27.51 -7.70
CA TYR A 92 -24.21 27.55 -6.46
C TYR A 92 -22.70 27.40 -6.69
N VAL A 93 -22.33 26.41 -7.48
CA VAL A 93 -20.94 26.11 -7.78
C VAL A 93 -20.24 27.29 -8.47
N HIS A 94 -20.92 27.90 -9.44
CA HIS A 94 -20.44 29.10 -10.11
C HIS A 94 -20.24 30.30 -9.18
N SER A 95 -21.16 30.46 -8.23
CA SER A 95 -21.06 31.55 -7.24
C SER A 95 -19.81 31.39 -6.37
N LYS A 96 -19.31 30.16 -6.29
CA LYS A 96 -18.07 29.84 -5.58
C LYS A 96 -16.84 29.99 -6.48
N GLY A 97 -17.05 30.37 -7.74
CA GLY A 97 -15.96 30.50 -8.71
C GLY A 97 -15.47 29.17 -9.24
N LEU A 98 -16.28 28.12 -9.11
CA LEU A 98 -15.91 26.79 -9.58
C LEU A 98 -16.73 26.38 -10.80
N LYS A 99 -16.42 25.23 -11.38
CA LYS A 99 -17.16 24.72 -12.52
C LYS A 99 -17.79 23.37 -12.23
N LEU A 100 -18.94 23.09 -12.86
CA LEU A 100 -19.67 21.85 -12.60
C LEU A 100 -19.52 20.83 -13.72
N GLY A 101 -19.00 19.67 -13.36
CA GLY A 101 -19.00 18.53 -14.26
C GLY A 101 -20.12 17.57 -13.95
N ILE A 102 -20.62 16.89 -14.98
CA ILE A 102 -21.65 15.86 -14.82
C ILE A 102 -21.29 14.59 -15.62
N TYR A 103 -22.16 13.58 -15.57
CA TYR A 103 -21.91 12.27 -16.16
C TYR A 103 -23.12 11.76 -16.93
N ALA A 104 -22.86 11.17 -18.10
CA ALA A 104 -23.86 10.47 -18.89
C ALA A 104 -23.22 9.26 -19.56
N ASP A 105 -24.00 8.50 -20.31
CA ASP A 105 -23.52 7.28 -20.93
C ASP A 105 -23.97 7.19 -22.39
N VAL A 106 -23.07 6.70 -23.26
CA VAL A 106 -23.30 6.61 -24.71
C VAL A 106 -24.31 5.51 -25.08
N GLY A 107 -24.48 4.53 -24.20
CA GLY A 107 -25.36 3.40 -24.45
C GLY A 107 -26.79 3.59 -23.96
N ASN A 108 -27.48 2.47 -23.73
CA ASN A 108 -28.87 2.48 -23.29
C ASN A 108 -29.06 2.72 -21.79
N LYS A 109 -28.00 2.47 -21.03
CA LYS A 109 -27.96 2.74 -19.58
C LYS A 109 -26.56 3.17 -19.18
N THR A 110 -26.47 3.93 -18.08
CA THR A 110 -25.18 4.18 -17.43
C THR A 110 -24.66 2.87 -16.82
N CYS A 111 -23.39 2.85 -16.43
CA CYS A 111 -22.80 1.65 -15.84
C CYS A 111 -23.48 1.18 -14.55
N ALA A 112 -24.10 2.11 -13.83
CA ALA A 112 -24.85 1.76 -12.61
C ALA A 112 -26.34 1.47 -12.88
N GLY A 113 -26.77 1.64 -14.12
CA GLY A 113 -28.11 1.20 -14.54
C GLY A 113 -29.17 2.28 -14.68
N PHE A 114 -28.75 3.53 -14.66
CA PHE A 114 -29.66 4.67 -14.85
C PHE A 114 -29.78 5.03 -16.33
N PRO A 115 -30.70 5.96 -16.69
CA PRO A 115 -30.93 6.24 -18.12
C PRO A 115 -29.66 6.53 -18.94
N GLY A 116 -29.54 5.84 -20.07
CA GLY A 116 -28.48 6.11 -21.03
C GLY A 116 -28.89 7.22 -21.97
N SER A 117 -27.96 7.65 -22.81
CA SER A 117 -28.21 8.77 -23.71
C SER A 117 -28.42 8.37 -25.16
N PHE A 118 -28.24 7.09 -25.46
CA PHE A 118 -28.49 6.59 -26.83
C PHE A 118 -29.91 6.97 -27.26
N GLY A 119 -30.00 7.68 -28.37
CA GLY A 119 -31.28 8.16 -28.89
C GLY A 119 -31.69 9.54 -28.36
N TYR A 120 -30.87 10.09 -27.46
CA TYR A 120 -31.18 11.37 -26.82
C TYR A 120 -30.01 12.36 -26.81
N TYR A 121 -29.01 12.13 -27.66
CA TYR A 121 -27.76 12.90 -27.60
C TYR A 121 -27.96 14.41 -27.72
N ASP A 122 -28.81 14.85 -28.64
CA ASP A 122 -29.08 16.28 -28.81
C ASP A 122 -29.92 16.88 -27.67
N ILE A 123 -30.91 16.13 -27.17
CA ILE A 123 -31.71 16.57 -26.02
C ILE A 123 -30.80 16.70 -24.81
N ASP A 124 -30.02 15.67 -24.53
CA ASP A 124 -29.14 15.62 -23.37
C ASP A 124 -28.07 16.71 -23.39
N ALA A 125 -27.46 16.92 -24.55
CA ALA A 125 -26.47 17.98 -24.71
C ALA A 125 -27.07 19.37 -24.39
N GLN A 126 -28.23 19.65 -24.98
CA GLN A 126 -28.93 20.91 -24.75
C GLN A 126 -29.38 21.04 -23.30
N THR A 127 -29.85 19.94 -22.71
CA THR A 127 -30.21 19.91 -21.30
C THR A 127 -29.02 20.33 -20.43
N PHE A 128 -27.87 19.69 -20.66
CA PHE A 128 -26.65 20.02 -19.93
C PHE A 128 -26.27 21.51 -20.03
N ALA A 129 -26.26 22.03 -21.26
CA ALA A 129 -25.95 23.45 -21.49
C ALA A 129 -26.93 24.38 -20.77
N ASP A 130 -28.23 24.06 -20.86
CA ASP A 130 -29.28 24.78 -20.15
C ASP A 130 -29.05 24.81 -18.64
N TRP A 131 -28.59 23.68 -18.11
CA TRP A 131 -28.29 23.57 -16.68
C TRP A 131 -27.06 24.35 -16.25
N GLY A 132 -26.26 24.79 -17.22
CA GLY A 132 -25.00 25.48 -16.93
C GLY A 132 -23.85 24.55 -16.60
N VAL A 133 -23.95 23.31 -17.07
CA VAL A 133 -22.89 22.30 -16.92
C VAL A 133 -21.64 22.71 -17.70
N ASP A 134 -20.46 22.43 -17.11
CA ASP A 134 -19.19 22.89 -17.67
C ASP A 134 -18.31 21.72 -18.14
N LEU A 135 -18.68 20.51 -17.76
CA LEU A 135 -17.94 19.32 -18.16
C LEU A 135 -18.87 18.11 -18.23
N LEU A 136 -18.64 17.26 -19.22
CA LEU A 136 -19.34 15.99 -19.32
C LEU A 136 -18.36 14.84 -19.40
N LYS A 137 -18.47 13.92 -18.44
CA LYS A 137 -17.83 12.61 -18.53
C LYS A 137 -18.83 11.62 -19.14
N PHE A 138 -18.45 11.06 -20.28
CA PHE A 138 -19.36 10.28 -21.11
C PHE A 138 -18.91 8.82 -21.18
N ASP A 139 -19.60 7.98 -20.42
CA ASP A 139 -19.22 6.57 -20.24
C ASP A 139 -19.70 5.66 -21.39
N GLY A 140 -19.16 4.46 -21.44
CA GLY A 140 -19.37 3.56 -22.57
C GLY A 140 -20.19 2.30 -22.35
N CYS A 141 -20.80 2.15 -21.17
CA CYS A 141 -21.60 0.95 -20.85
C CYS A 141 -22.84 0.75 -21.71
N TYR A 142 -23.28 -0.50 -21.78
CA TYR A 142 -24.51 -0.89 -22.48
C TYR A 142 -24.59 -0.34 -23.90
N CYS A 143 -23.49 -0.54 -24.64
CA CYS A 143 -23.39 -0.21 -26.05
C CYS A 143 -23.11 -1.50 -26.82
N ASP A 144 -24.07 -1.94 -27.63
CA ASP A 144 -24.00 -3.29 -28.22
C ASP A 144 -23.10 -3.44 -29.45
N SER A 145 -22.59 -2.33 -29.98
CA SER A 145 -21.73 -2.39 -31.16
C SER A 145 -20.67 -1.28 -31.20
N LEU A 146 -19.55 -1.57 -31.86
CA LEU A 146 -18.47 -0.60 -32.03
C LEU A 146 -18.87 0.60 -32.88
N GLU A 147 -19.74 0.37 -33.87
CA GLU A 147 -20.30 1.42 -34.71
C GLU A 147 -21.13 2.41 -33.87
N ASN A 148 -22.06 1.88 -33.08
CA ASN A 148 -22.86 2.70 -32.16
C ASN A 148 -21.99 3.48 -31.16
N LEU A 149 -20.92 2.85 -30.69
CA LEU A 149 -19.98 3.50 -29.78
C LEU A 149 -19.34 4.73 -30.44
N ALA A 150 -18.72 4.51 -31.60
CA ALA A 150 -18.06 5.58 -32.34
C ALA A 150 -19.03 6.68 -32.74
N ASP A 151 -20.18 6.29 -33.30
CA ASP A 151 -21.21 7.23 -33.73
C ASP A 151 -21.72 8.08 -32.57
N GLY A 152 -21.98 7.43 -31.43
CA GLY A 152 -22.45 8.12 -30.22
C GLY A 152 -21.47 9.17 -29.67
N TYR A 153 -20.20 8.78 -29.58
CA TYR A 153 -19.16 9.70 -29.13
C TYR A 153 -18.98 10.90 -30.07
N LYS A 154 -19.01 10.65 -31.38
CA LYS A 154 -18.96 11.72 -32.37
C LYS A 154 -20.20 12.61 -32.28
N HIS A 155 -21.37 11.97 -32.20
CA HIS A 155 -22.67 12.65 -32.16
C HIS A 155 -22.75 13.60 -30.96
N MET A 156 -22.48 13.08 -29.76
CA MET A 156 -22.51 13.91 -28.55
C MET A 156 -21.49 15.04 -28.61
N SER A 157 -20.33 14.77 -29.21
CA SER A 157 -19.29 15.79 -29.36
C SER A 157 -19.81 16.98 -30.15
N LEU A 158 -20.43 16.68 -31.30
CA LEU A 158 -20.99 17.70 -32.16
C LEU A 158 -22.21 18.37 -31.50
N ALA A 159 -23.03 17.58 -30.82
CA ALA A 159 -24.21 18.10 -30.13
C ALA A 159 -23.87 19.10 -29.03
N LEU A 160 -22.80 18.84 -28.28
CA LEU A 160 -22.33 19.77 -27.25
C LEU A 160 -21.83 21.08 -27.87
N ASN A 161 -21.10 20.97 -28.99
CA ASN A 161 -20.62 22.13 -29.73
C ASN A 161 -21.75 23.04 -30.19
N ARG A 162 -22.87 22.44 -30.63
CA ARG A 162 -23.99 23.21 -31.16
C ARG A 162 -24.79 23.96 -30.10
N THR A 163 -24.62 23.60 -28.83
CA THR A 163 -25.27 24.32 -27.73
C THR A 163 -24.70 25.73 -27.54
N GLY A 164 -23.44 25.90 -27.95
CA GLY A 164 -22.75 27.17 -27.83
C GLY A 164 -22.04 27.37 -26.50
N ARG A 165 -22.25 26.44 -25.58
CA ARG A 165 -21.63 26.52 -24.26
C ARG A 165 -20.30 25.75 -24.22
N SER A 166 -19.31 26.35 -23.56
CA SER A 166 -18.04 25.70 -23.32
C SER A 166 -18.21 24.54 -22.34
N ILE A 167 -18.16 23.32 -22.85
CA ILE A 167 -18.29 22.12 -22.03
C ILE A 167 -17.12 21.16 -22.31
N VAL A 168 -16.27 20.96 -21.31
CA VAL A 168 -15.17 19.98 -21.41
C VAL A 168 -15.75 18.58 -21.67
N TYR A 169 -15.22 17.89 -22.67
CA TYR A 169 -15.74 16.59 -23.08
C TYR A 169 -14.75 15.45 -22.78
N SER A 170 -15.15 14.65 -21.80
CA SER A 170 -14.35 13.55 -21.28
C SER A 170 -14.95 12.23 -21.80
N CYS A 171 -14.15 11.49 -22.57
CA CYS A 171 -14.61 10.29 -23.25
C CYS A 171 -14.02 9.01 -22.70
N GLU A 172 -14.80 7.94 -22.71
CA GLU A 172 -14.28 6.63 -22.34
C GLU A 172 -14.20 5.74 -23.58
N TRP A 173 -14.27 6.41 -24.73
CA TRP A 173 -14.22 5.81 -26.06
C TRP A 173 -13.14 4.70 -26.22
N PRO A 174 -11.83 5.06 -26.09
CA PRO A 174 -10.80 4.05 -26.32
C PRO A 174 -10.85 2.83 -25.39
N LEU A 175 -11.20 3.05 -24.13
CA LEU A 175 -11.32 1.97 -23.14
C LEU A 175 -12.31 0.88 -23.59
N TYR A 176 -13.47 1.30 -24.10
CA TYR A 176 -14.53 0.36 -24.46
C TYR A 176 -14.34 -0.33 -25.82
N MET A 177 -13.46 0.21 -26.67
CA MET A 177 -13.16 -0.45 -27.94
C MET A 177 -11.87 -1.30 -27.93
N TRP A 178 -10.95 -0.99 -27.02
CA TRP A 178 -9.70 -1.76 -26.86
C TRP A 178 -9.84 -3.29 -26.87
N PRO A 179 -10.85 -3.85 -26.16
CA PRO A 179 -11.02 -5.32 -26.22
C PRO A 179 -11.22 -5.86 -27.64
N PHE A 180 -11.80 -5.04 -28.52
CA PHE A 180 -12.24 -5.49 -29.84
C PHE A 180 -11.36 -4.99 -30.99
N GLN A 181 -10.96 -3.73 -30.91
CA GLN A 181 -10.25 -3.04 -31.98
C GLN A 181 -9.23 -2.07 -31.39
N LYS A 182 -8.12 -1.86 -32.10
CA LYS A 182 -7.18 -0.79 -31.73
C LYS A 182 -7.81 0.56 -32.05
N PRO A 183 -7.86 1.46 -31.05
CA PRO A 183 -8.41 2.81 -31.23
C PRO A 183 -7.59 3.67 -32.18
N ASN A 184 -8.28 4.53 -32.94
CA ASN A 184 -7.65 5.59 -33.71
C ASN A 184 -7.63 6.85 -32.83
N TYR A 185 -6.44 7.18 -32.32
CA TYR A 185 -6.29 8.28 -31.38
C TYR A 185 -6.37 9.66 -32.01
N THR A 186 -5.94 9.78 -33.26
CA THR A 186 -6.14 11.00 -34.05
C THR A 186 -7.63 11.33 -34.14
N GLU A 187 -8.43 10.28 -34.31
CA GLU A 187 -9.88 10.39 -34.43
C GLU A 187 -10.53 10.74 -33.08
N ILE A 188 -10.10 10.06 -32.02
CA ILE A 188 -10.60 10.34 -30.68
C ILE A 188 -10.29 11.77 -30.24
N ARG A 189 -9.06 12.20 -30.50
CA ARG A 189 -8.60 13.57 -30.22
C ARG A 189 -9.47 14.63 -30.89
N GLN A 190 -9.83 14.38 -32.15
CA GLN A 190 -10.71 15.25 -32.93
C GLN A 190 -12.05 15.54 -32.22
N TYR A 191 -12.51 14.59 -31.42
CA TYR A 191 -13.81 14.66 -30.78
C TYR A 191 -13.82 14.88 -29.26
N CYS A 192 -12.70 14.58 -28.60
CA CYS A 192 -12.64 14.57 -27.13
C CYS A 192 -11.52 15.43 -26.56
N ASN A 193 -11.78 16.04 -25.39
CA ASN A 193 -10.78 16.82 -24.64
C ASN A 193 -9.83 15.95 -23.81
N HIS A 194 -10.34 14.82 -23.35
CA HIS A 194 -9.51 13.75 -22.79
C HIS A 194 -10.24 12.41 -22.84
N TRP A 195 -9.49 11.32 -22.76
CA TRP A 195 -10.02 9.99 -22.99
C TRP A 195 -9.45 8.95 -22.04
N ARG A 196 -10.35 8.17 -21.46
CA ARG A 196 -9.98 7.06 -20.59
C ARG A 196 -9.49 5.89 -21.44
N ASN A 197 -8.27 5.44 -21.14
CA ASN A 197 -7.63 4.36 -21.88
C ASN A 197 -7.75 2.98 -21.24
N PHE A 198 -7.80 2.96 -19.91
CA PHE A 198 -7.54 1.73 -19.13
C PHE A 198 -8.57 1.56 -18.02
N ALA A 199 -8.62 0.36 -17.45
CA ALA A 199 -9.53 0.00 -16.37
C ALA A 199 -9.58 1.02 -15.23
N ASP A 200 -10.76 1.12 -14.60
CA ASP A 200 -10.99 1.98 -13.45
C ASP A 200 -9.93 1.79 -12.38
N ILE A 201 -9.41 2.91 -11.88
CA ILE A 201 -8.54 2.87 -10.72
C ILE A 201 -9.35 2.48 -9.47
N ASP A 202 -8.69 1.85 -8.51
CA ASP A 202 -9.24 1.76 -7.17
C ASP A 202 -8.17 2.20 -6.14
N ASP A 203 -8.44 1.96 -4.86
CA ASP A 203 -7.56 2.41 -3.77
C ASP A 203 -6.45 1.39 -3.49
N SER A 204 -5.59 1.15 -4.48
CA SER A 204 -4.54 0.17 -4.35
C SER A 204 -3.30 0.49 -5.17
N TRP A 205 -2.15 0.08 -4.64
CA TRP A 205 -0.88 0.20 -5.33
C TRP A 205 -0.82 -0.74 -6.56
N LYS A 206 -1.43 -1.92 -6.43
CA LYS A 206 -1.62 -2.83 -7.58
C LYS A 206 -2.18 -2.10 -8.80
N SER A 207 -3.22 -1.31 -8.55
CA SER A 207 -3.91 -0.54 -9.56
C SER A 207 -3.01 0.53 -10.21
N ILE A 208 -2.27 1.28 -9.40
CA ILE A 208 -1.34 2.30 -9.92
C ILE A 208 -0.33 1.65 -10.85
N LYS A 209 0.24 0.53 -10.42
CA LYS A 209 1.21 -0.22 -11.23
C LYS A 209 0.64 -0.70 -12.56
N SER A 210 -0.58 -1.27 -12.53
CA SER A 210 -1.26 -1.73 -13.75
C SER A 210 -1.40 -0.60 -14.75
N ILE A 211 -1.83 0.56 -14.26
CA ILE A 211 -2.05 1.75 -15.10
C ILE A 211 -0.73 2.23 -15.69
N LEU A 212 0.29 2.34 -14.84
CA LEU A 212 1.63 2.74 -15.27
C LEU A 212 2.19 1.77 -16.28
N ASP A 213 2.03 0.48 -16.01
CA ASP A 213 2.55 -0.57 -16.86
C ASP A 213 1.83 -0.60 -18.20
N TRP A 214 0.52 -0.39 -18.19
CA TRP A 214 -0.23 -0.33 -19.45
C TRP A 214 0.23 0.85 -20.30
N THR A 215 0.43 1.99 -19.65
CA THR A 215 0.84 3.23 -20.33
C THR A 215 2.23 3.13 -20.96
N SER A 216 3.20 2.55 -20.24
CA SER A 216 4.56 2.38 -20.77
C SER A 216 4.62 1.35 -21.89
N PHE A 217 3.76 0.33 -21.80
CA PHE A 217 3.67 -0.71 -22.83
C PHE A 217 3.03 -0.18 -24.12
N ASN A 218 2.08 0.75 -23.96
CA ASN A 218 1.36 1.31 -25.09
C ASN A 218 1.83 2.70 -25.52
N GLN A 219 2.99 3.13 -25.05
CA GLN A 219 3.37 4.53 -25.21
C GLN A 219 3.61 5.01 -26.64
N GLU A 220 4.11 4.12 -27.50
CA GLU A 220 4.30 4.45 -28.91
C GLU A 220 2.98 4.90 -29.57
N ARG A 221 1.86 4.38 -29.09
CA ARG A 221 0.55 4.67 -29.69
C ARG A 221 -0.14 5.92 -29.11
N ILE A 222 0.22 6.29 -27.88
CA ILE A 222 -0.58 7.27 -27.15
C ILE A 222 0.13 8.58 -26.79
N VAL A 223 1.45 8.55 -26.70
CA VAL A 223 2.21 9.71 -26.18
C VAL A 223 2.12 10.95 -27.09
N ASP A 224 2.37 10.75 -28.39
CA ASP A 224 2.45 11.88 -29.32
C ASP A 224 1.12 12.55 -29.65
N VAL A 225 0.00 11.82 -29.50
CA VAL A 225 -1.32 12.39 -29.76
C VAL A 225 -1.76 13.43 -28.71
N ALA A 226 -1.27 13.26 -27.47
CA ALA A 226 -1.60 14.15 -26.36
C ALA A 226 -0.99 15.54 -26.54
N GLY A 227 -1.73 16.54 -26.10
CA GLY A 227 -1.31 17.94 -26.23
C GLY A 227 -2.49 18.84 -25.92
N PRO A 228 -2.28 20.17 -25.92
CA PRO A 228 -3.32 21.13 -25.58
C PRO A 228 -4.68 20.80 -26.24
N GLY A 229 -5.72 20.65 -25.43
CA GLY A 229 -7.06 20.34 -25.93
C GLY A 229 -7.38 18.86 -26.06
N GLY A 230 -6.39 17.99 -25.78
CA GLY A 230 -6.58 16.53 -25.88
C GLY A 230 -5.56 15.72 -25.09
N TRP A 231 -6.01 15.06 -24.03
CA TRP A 231 -5.12 14.36 -23.08
C TRP A 231 -5.50 12.90 -22.86
N ASN A 232 -4.49 12.07 -22.62
CA ASN A 232 -4.71 10.72 -22.11
C ASN A 232 -5.15 10.79 -20.66
N ASP A 233 -6.16 9.99 -20.32
CA ASP A 233 -6.70 9.97 -18.98
C ASP A 233 -6.43 8.61 -18.33
N PRO A 234 -5.47 8.57 -17.39
CA PRO A 234 -5.12 7.35 -16.66
C PRO A 234 -5.99 7.14 -15.43
N ASP A 235 -6.98 8.01 -15.25
CA ASP A 235 -7.99 7.97 -14.16
C ASP A 235 -7.62 8.81 -12.92
N MET A 236 -8.53 8.79 -11.94
CA MET A 236 -8.52 9.66 -10.78
C MET A 236 -7.28 9.55 -9.88
N LEU A 237 -6.89 10.67 -9.29
CA LEU A 237 -5.94 10.68 -8.19
C LEU A 237 -6.66 10.12 -6.96
N VAL A 238 -6.06 9.12 -6.32
CA VAL A 238 -6.66 8.49 -5.14
C VAL A 238 -5.87 8.79 -3.87
N ILE A 239 -5.00 9.79 -3.93
CA ILE A 239 -4.25 10.27 -2.79
C ILE A 239 -5.23 10.82 -1.73
N GLY A 240 -4.99 10.52 -0.47
CA GLY A 240 -5.83 11.03 0.62
C GLY A 240 -6.79 10.00 1.16
N ASN A 241 -6.80 8.82 0.54
CA ASN A 241 -7.70 7.73 0.94
C ASN A 241 -7.02 6.71 1.86
N PHE A 242 -7.13 5.41 1.57
CA PHE A 242 -6.76 4.41 2.58
C PHE A 242 -5.73 3.38 2.16
N GLY A 243 -5.63 3.12 0.85
CA GLY A 243 -4.87 1.98 0.35
C GLY A 243 -3.45 2.22 -0.10
N LEU A 244 -3.04 3.48 -0.17
CA LEU A 244 -1.69 3.83 -0.64
C LEU A 244 -0.81 4.30 0.49
N SER A 245 0.42 3.76 0.52
CA SER A 245 1.44 4.26 1.43
C SER A 245 1.88 5.65 0.98
N TRP A 246 2.55 6.37 1.87
CA TRP A 246 3.07 7.69 1.52
C TRP A 246 3.88 7.66 0.21
N ASN A 247 4.83 6.72 0.11
CA ASN A 247 5.66 6.61 -1.11
C ASN A 247 4.87 6.27 -2.39
N GLN A 248 3.82 5.48 -2.25
CA GLN A 248 2.93 5.13 -3.37
C GLN A 248 2.09 6.34 -3.81
N GLN A 249 1.72 7.19 -2.86
CA GLN A 249 1.01 8.43 -3.16
C GLN A 249 1.91 9.41 -3.93
N VAL A 250 3.17 9.50 -3.50
CA VAL A 250 4.21 10.28 -4.19
C VAL A 250 4.40 9.80 -5.64
N THR A 251 4.45 8.48 -5.83
CA THR A 251 4.54 7.90 -7.17
C THR A 251 3.35 8.30 -8.05
N GLN A 252 2.13 8.26 -7.51
CA GLN A 252 0.99 8.68 -8.31
C GLN A 252 1.03 10.16 -8.67
N MET A 253 1.30 11.02 -7.69
CA MET A 253 1.38 12.45 -7.97
C MET A 253 2.45 12.80 -9.01
N ALA A 254 3.66 12.27 -8.82
CA ALA A 254 4.79 12.49 -9.74
C ALA A 254 4.52 11.95 -11.16
N LEU A 255 3.98 10.75 -11.26
CA LEU A 255 3.79 10.14 -12.58
C LEU A 255 2.59 10.72 -13.34
N TRP A 256 1.55 11.12 -12.62
CA TRP A 256 0.44 11.85 -13.25
C TRP A 256 0.89 13.22 -13.81
N ALA A 257 1.92 13.80 -13.20
CA ALA A 257 2.53 15.03 -13.75
C ALA A 257 3.35 14.73 -14.99
N ILE A 258 4.19 13.70 -14.93
CA ILE A 258 4.95 13.22 -16.10
C ILE A 258 4.01 12.92 -17.28
N MET A 259 2.88 12.29 -17.00
CA MET A 259 1.94 11.84 -18.03
C MET A 259 1.03 12.93 -18.62
N ALA A 260 1.13 14.17 -18.11
CA ALA A 260 0.24 15.27 -18.52
C ALA A 260 -1.21 14.82 -18.42
N ALA A 261 -1.51 14.17 -17.29
CA ALA A 261 -2.81 13.58 -17.02
C ALA A 261 -3.74 14.62 -16.43
N PRO A 262 -5.05 14.52 -16.73
CA PRO A 262 -6.02 15.30 -15.95
C PRO A 262 -5.90 14.90 -14.48
N LEU A 263 -6.06 15.87 -13.59
CA LEU A 263 -5.91 15.64 -12.15
C LEU A 263 -7.27 15.79 -11.47
N PHE A 264 -8.04 14.70 -11.50
CA PHE A 264 -9.32 14.63 -10.80
C PHE A 264 -9.13 13.87 -9.49
N MET A 265 -9.09 14.61 -8.38
CA MET A 265 -9.03 14.00 -7.06
C MET A 265 -10.33 13.26 -6.81
N SER A 266 -10.23 12.07 -6.24
CA SER A 266 -11.39 11.39 -5.71
C SER A 266 -11.05 10.99 -4.29
N ASN A 267 -11.52 11.77 -3.34
CA ASN A 267 -11.20 11.64 -1.92
C ASN A 267 -12.26 12.37 -1.09
N ASP A 268 -12.06 12.40 0.23
CA ASP A 268 -12.96 13.14 1.11
C ASP A 268 -12.28 14.41 1.60
N LEU A 269 -12.63 15.53 0.98
CA LEU A 269 -12.02 16.83 1.33
C LEU A 269 -12.28 17.23 2.78
N ARG A 270 -13.35 16.68 3.37
CA ARG A 270 -13.67 16.89 4.79
C ARG A 270 -12.73 16.13 5.74
N HIS A 271 -12.14 15.05 5.27
CA HIS A 271 -11.27 14.21 6.09
C HIS A 271 -10.02 13.82 5.30
N ILE A 272 -9.06 14.75 5.24
CA ILE A 272 -7.82 14.54 4.49
C ILE A 272 -6.61 15.02 5.31
N SER A 273 -5.59 14.16 5.39
CA SER A 273 -4.41 14.47 6.17
C SER A 273 -3.65 15.68 5.61
N PRO A 274 -2.99 16.45 6.49
CA PRO A 274 -2.17 17.58 6.03
C PRO A 274 -1.08 17.15 5.03
N GLN A 275 -0.53 15.96 5.22
CA GLN A 275 0.48 15.38 4.34
C GLN A 275 -0.07 15.20 2.93
N ALA A 276 -1.22 14.54 2.83
CA ALA A 276 -1.89 14.29 1.54
C ALA A 276 -2.28 15.60 0.85
N LYS A 277 -2.85 16.53 1.60
CA LYS A 277 -3.23 17.85 1.08
C LYS A 277 -2.03 18.61 0.49
N ALA A 278 -0.92 18.68 1.23
CA ALA A 278 0.31 19.34 0.76
C ALA A 278 0.87 18.74 -0.52
N LEU A 279 0.82 17.42 -0.64
CA LEU A 279 1.27 16.74 -1.85
C LEU A 279 0.39 17.09 -3.05
N LEU A 280 -0.93 16.96 -2.87
CA LEU A 280 -1.92 17.28 -3.90
C LEU A 280 -1.90 18.74 -4.34
N GLN A 281 -1.43 19.61 -3.46
CA GLN A 281 -1.40 21.06 -3.70
C GLN A 281 0.00 21.55 -4.05
N ASP A 282 0.94 20.60 -4.23
CA ASP A 282 2.33 20.94 -4.50
C ASP A 282 2.46 21.79 -5.76
N LYS A 283 2.74 23.08 -5.56
CA LYS A 283 2.85 24.07 -6.66
C LYS A 283 3.78 23.64 -7.79
N ASP A 284 5.00 23.23 -7.43
CA ASP A 284 6.02 22.84 -8.40
C ASP A 284 5.64 21.60 -9.20
N VAL A 285 5.00 20.64 -8.53
CA VAL A 285 4.55 19.43 -9.20
C VAL A 285 3.33 19.71 -10.08
N ILE A 286 2.37 20.48 -9.57
CA ILE A 286 1.24 20.88 -10.38
C ILE A 286 1.72 21.62 -11.64
N ALA A 287 2.73 22.48 -11.49
CA ALA A 287 3.27 23.26 -12.61
C ALA A 287 3.84 22.40 -13.74
N ILE A 288 4.47 21.29 -13.38
CA ILE A 288 4.91 20.31 -14.37
C ILE A 288 3.71 19.70 -15.10
N ASN A 289 2.72 19.22 -14.34
CA ASN A 289 1.51 18.66 -14.93
C ASN A 289 0.88 19.65 -15.91
N GLN A 290 0.89 20.93 -15.49
CA GLN A 290 0.22 22.01 -16.20
C GLN A 290 1.09 22.74 -17.22
N ASP A 291 2.30 22.26 -17.45
CA ASP A 291 3.20 22.89 -18.42
C ASP A 291 2.49 23.23 -19.73
N PRO A 292 2.51 24.53 -20.13
CA PRO A 292 1.76 25.00 -21.31
C PRO A 292 2.12 24.30 -22.62
N LEU A 293 3.34 23.77 -22.72
CA LEU A 293 3.77 23.02 -23.90
C LEU A 293 2.90 21.77 -24.13
N GLY A 294 2.41 21.19 -23.03
CA GLY A 294 1.50 20.04 -23.11
C GLY A 294 2.05 18.81 -23.80
N LYS A 295 3.34 18.55 -23.63
CA LYS A 295 3.96 17.36 -24.21
C LYS A 295 4.05 16.24 -23.19
N GLN A 296 3.31 15.16 -23.44
CA GLN A 296 3.26 14.02 -22.51
C GLN A 296 4.64 13.34 -22.36
N GLY A 297 4.99 13.01 -21.11
CA GLY A 297 6.21 12.27 -20.84
C GLY A 297 6.08 10.81 -21.23
N TYR A 298 7.15 10.06 -21.01
CA TYR A 298 7.23 8.69 -21.48
C TYR A 298 8.24 7.97 -20.60
N GLN A 299 8.18 6.65 -20.59
CA GLN A 299 9.20 5.84 -19.94
C GLN A 299 10.44 5.84 -20.83
N LEU A 300 11.57 6.24 -20.25
CA LEU A 300 12.87 6.23 -20.93
C LEU A 300 13.58 4.91 -20.75
N ARG A 301 13.56 4.39 -19.52
CA ARG A 301 14.32 3.20 -19.12
C ARG A 301 13.61 2.34 -18.10
N GLN A 302 13.95 1.07 -18.12
CA GLN A 302 13.37 0.04 -17.26
C GLN A 302 14.39 -1.09 -17.10
N GLY A 303 14.69 -1.45 -15.85
CA GLY A 303 15.65 -2.51 -15.55
C GLY A 303 16.02 -2.51 -14.07
N ASP A 304 16.39 -3.69 -13.56
CA ASP A 304 16.72 -3.91 -12.15
C ASP A 304 15.67 -3.30 -11.20
N ASN A 305 14.39 -3.49 -11.57
CA ASN A 305 13.24 -2.94 -10.85
C ASN A 305 13.24 -1.42 -10.68
N PHE A 306 13.89 -0.71 -11.61
CA PHE A 306 13.84 0.74 -11.67
C PHE A 306 13.18 1.15 -12.97
N GLU A 307 12.43 2.24 -12.93
CA GLU A 307 11.96 2.89 -14.14
C GLU A 307 12.43 4.33 -14.18
N VAL A 308 12.81 4.81 -15.35
CA VAL A 308 13.07 6.23 -15.58
C VAL A 308 12.08 6.76 -16.59
N TRP A 309 11.34 7.78 -16.19
CA TRP A 309 10.41 8.50 -17.05
C TRP A 309 10.89 9.94 -17.16
N GLU A 310 10.64 10.58 -18.30
CA GLU A 310 10.97 11.99 -18.49
C GLU A 310 9.90 12.70 -19.31
N ARG A 311 9.84 14.02 -19.14
CA ARG A 311 8.89 14.85 -19.85
C ARG A 311 9.54 16.16 -20.28
N PRO A 312 9.46 16.51 -21.59
CA PRO A 312 9.93 17.81 -22.02
C PRO A 312 8.98 18.93 -21.56
N LEU A 313 9.55 20.04 -21.10
CA LEU A 313 8.79 21.19 -20.61
C LEU A 313 9.10 22.44 -21.46
N SER A 314 8.37 23.52 -21.20
CA SER A 314 8.64 24.84 -21.81
C SER A 314 10.01 25.36 -21.42
N GLY A 315 10.59 26.17 -22.29
CA GLY A 315 11.89 26.81 -22.04
C GLY A 315 13.04 25.86 -21.75
N LEU A 316 13.11 24.78 -22.53
CA LEU A 316 14.23 23.83 -22.50
C LEU A 316 14.42 23.09 -21.17
N ALA A 317 13.38 23.08 -20.33
CA ALA A 317 13.39 22.31 -19.09
C ALA A 317 12.86 20.90 -19.31
N TRP A 318 13.19 20.01 -18.39
CA TRP A 318 12.71 18.64 -18.39
C TRP A 318 12.30 18.21 -16.98
N ALA A 319 11.29 17.36 -16.88
CA ALA A 319 10.99 16.67 -15.64
C ALA A 319 11.45 15.22 -15.75
N VAL A 320 12.05 14.69 -14.69
CA VAL A 320 12.53 13.31 -14.66
C VAL A 320 11.99 12.61 -13.42
N ALA A 321 11.43 11.41 -13.61
CA ALA A 321 10.91 10.60 -12.51
C ALA A 321 11.64 9.26 -12.46
N MET A 322 12.06 8.86 -11.27
CA MET A 322 12.72 7.58 -11.08
C MET A 322 11.95 6.79 -10.03
N ILE A 323 11.35 5.68 -10.47
CA ILE A 323 10.56 4.79 -9.62
C ILE A 323 11.37 3.58 -9.18
N ASN A 324 11.23 3.23 -7.90
CA ASN A 324 11.76 1.97 -7.38
C ASN A 324 10.62 0.95 -7.28
N ARG A 325 10.66 -0.06 -8.15
CA ARG A 325 9.58 -1.07 -8.24
C ARG A 325 9.84 -2.32 -7.38
N GLN A 326 11.02 -2.40 -6.77
CA GLN A 326 11.35 -3.48 -5.85
C GLN A 326 10.63 -3.25 -4.53
N GLU A 327 9.87 -4.24 -4.09
CA GLU A 327 8.98 -4.07 -2.93
C GLU A 327 9.48 -4.81 -1.70
N ILE A 328 10.80 -4.80 -1.54
CA ILE A 328 11.49 -5.40 -0.40
C ILE A 328 12.76 -4.58 -0.15
N GLY A 329 13.28 -4.61 1.07
CA GLY A 329 14.52 -3.90 1.39
C GLY A 329 14.31 -2.44 1.70
N GLY A 330 15.33 -1.62 1.44
CA GLY A 330 15.33 -0.22 1.82
C GLY A 330 15.55 0.70 0.64
N PRO A 331 15.81 2.00 0.92
CA PRO A 331 16.09 2.97 -0.15
C PRO A 331 17.23 2.44 -1.01
N ARG A 332 17.04 2.45 -2.32
CA ARG A 332 17.94 1.76 -3.24
C ARG A 332 18.61 2.76 -4.18
N SER A 333 19.93 2.66 -4.29
CA SER A 333 20.72 3.55 -5.13
C SER A 333 20.51 3.32 -6.63
N TYR A 334 20.21 4.41 -7.34
CA TYR A 334 20.15 4.39 -8.80
C TYR A 334 20.97 5.56 -9.35
N THR A 335 21.75 5.29 -10.40
CA THR A 335 22.52 6.34 -11.09
C THR A 335 22.33 6.29 -12.61
N ILE A 336 22.33 7.48 -13.22
CA ILE A 336 22.24 7.61 -14.67
C ILE A 336 23.11 8.79 -15.15
N ALA A 337 23.73 8.65 -16.33
CA ALA A 337 24.46 9.75 -16.94
C ALA A 337 23.46 10.83 -17.36
N VAL A 338 23.74 12.08 -17.01
CA VAL A 338 22.79 13.17 -17.31
C VAL A 338 22.70 13.40 -18.82
N ALA A 339 23.74 13.00 -19.53
CA ALA A 339 23.79 13.04 -20.99
C ALA A 339 22.74 12.13 -21.64
N SER A 340 22.27 11.12 -20.89
CA SER A 340 21.21 10.22 -21.34
C SER A 340 19.81 10.81 -21.10
N LEU A 341 19.75 11.92 -20.35
CA LEU A 341 18.49 12.54 -20.01
C LEU A 341 18.11 13.63 -21.00
N GLY A 342 16.82 13.79 -21.22
CA GLY A 342 16.31 14.86 -22.08
C GLY A 342 16.88 14.84 -23.48
N LYS A 343 17.01 13.64 -24.03
CA LYS A 343 17.51 13.42 -25.40
C LYS A 343 18.93 13.93 -25.64
N GLY A 344 19.69 14.11 -24.55
CA GLY A 344 21.06 14.59 -24.65
C GLY A 344 21.16 16.10 -24.73
N VAL A 345 20.04 16.80 -24.58
CA VAL A 345 20.08 18.27 -24.59
C VAL A 345 19.81 18.93 -23.24
N ALA A 346 19.12 18.24 -22.33
CA ALA A 346 18.78 18.83 -21.04
C ALA A 346 20.00 19.41 -20.30
N CYS A 347 21.11 18.66 -20.32
CA CYS A 347 22.31 19.04 -19.57
C CYS A 347 23.56 19.22 -20.43
N ASN A 348 23.38 19.71 -21.66
CA ASN A 348 24.47 20.11 -22.54
C ASN A 348 24.40 21.62 -22.70
N PRO A 349 25.44 22.36 -22.27
CA PRO A 349 26.68 21.88 -21.64
C PRO A 349 26.51 21.53 -20.16
N ALA A 350 25.41 21.98 -19.56
CA ALA A 350 25.14 21.80 -18.15
C ALA A 350 23.66 22.02 -17.82
N CYS A 351 23.25 21.57 -16.64
CA CYS A 351 21.91 21.81 -16.13
C CYS A 351 21.92 22.02 -14.62
N PHE A 352 20.98 22.83 -14.12
CA PHE A 352 20.72 22.86 -12.69
C PHE A 352 19.58 21.89 -12.38
N ILE A 353 19.79 21.04 -11.38
CA ILE A 353 18.81 20.02 -11.02
C ILE A 353 18.21 20.29 -9.64
N THR A 354 16.89 20.24 -9.58
CA THR A 354 16.14 20.42 -8.36
C THR A 354 15.25 19.20 -8.15
N GLN A 355 15.42 18.54 -7.00
CA GLN A 355 14.51 17.49 -6.60
C GLN A 355 13.22 18.13 -6.08
N LEU A 356 12.09 17.62 -6.55
CA LEU A 356 10.79 18.09 -6.08
C LEU A 356 10.11 17.12 -5.12
N LEU A 357 10.23 15.82 -5.41
CA LEU A 357 9.65 14.76 -4.59
C LEU A 357 10.69 13.67 -4.33
N PRO A 358 10.64 13.00 -3.15
CA PRO A 358 9.68 13.14 -2.03
C PRO A 358 9.72 14.48 -1.30
N VAL A 359 10.88 15.13 -1.29
CA VAL A 359 11.01 16.49 -0.73
C VAL A 359 11.72 17.42 -1.71
N LYS A 360 11.47 18.73 -1.56
CA LYS A 360 12.12 19.74 -2.39
C LYS A 360 13.53 20.06 -1.89
N ARG A 361 14.49 19.91 -2.79
CA ARG A 361 15.91 20.07 -2.47
C ARG A 361 16.68 20.37 -3.76
N LYS A 362 17.42 21.47 -3.78
CA LYS A 362 18.31 21.80 -4.90
C LYS A 362 19.50 20.84 -4.91
N LEU A 363 19.76 20.22 -6.04
CA LEU A 363 20.87 19.28 -6.15
C LEU A 363 22.13 19.94 -6.73
N GLY A 364 21.96 21.06 -7.43
CA GLY A 364 23.08 21.83 -7.97
C GLY A 364 23.34 21.63 -9.45
N PHE A 365 24.48 22.12 -9.90
CA PHE A 365 24.86 22.08 -11.30
C PHE A 365 25.44 20.73 -11.70
N TYR A 366 25.00 20.24 -12.87
CA TYR A 366 25.47 18.98 -13.42
C TYR A 366 26.05 19.24 -14.81
N GLU A 367 27.32 18.88 -15.01
CA GLU A 367 27.96 19.04 -16.32
C GLU A 367 27.47 17.94 -17.25
N TRP A 368 27.63 18.14 -18.56
CA TRP A 368 27.22 17.11 -19.51
C TRP A 368 27.90 15.75 -19.26
N THR A 369 29.07 15.80 -18.61
CA THR A 369 29.83 14.62 -18.23
C THR A 369 29.32 13.92 -16.96
N SER A 370 28.44 14.60 -16.22
CA SER A 370 28.03 14.16 -14.88
C SER A 370 27.11 12.94 -14.85
N ARG A 371 27.00 12.35 -13.66
CA ARG A 371 26.02 11.31 -13.36
C ARG A 371 25.10 11.75 -12.22
N LEU A 372 23.81 11.52 -12.40
CA LEU A 372 22.82 11.75 -11.37
C LEU A 372 22.73 10.51 -10.48
N ARG A 373 22.98 10.71 -9.19
CA ARG A 373 22.98 9.64 -8.20
C ARG A 373 21.83 9.85 -7.22
N SER A 374 21.04 8.81 -7.00
CA SER A 374 19.85 8.93 -6.17
C SER A 374 19.52 7.66 -5.38
N HIS A 375 18.93 7.84 -4.21
CA HIS A 375 18.37 6.73 -3.44
C HIS A 375 16.85 6.83 -3.46
N ILE A 376 16.20 5.76 -3.91
CA ILE A 376 14.74 5.78 -4.09
C ILE A 376 14.10 4.71 -3.20
N ASN A 377 13.13 5.15 -2.42
CA ASN A 377 12.36 4.28 -1.54
C ASN A 377 11.56 3.25 -2.33
N PRO A 378 11.47 2.00 -1.80
CA PRO A 378 10.59 0.98 -2.37
C PRO A 378 9.16 1.49 -2.60
N THR A 379 8.71 1.40 -3.86
CA THR A 379 7.39 1.90 -4.34
C THR A 379 7.28 3.43 -4.43
N GLY A 380 8.37 4.12 -4.09
CA GLY A 380 8.42 5.56 -4.18
C GLY A 380 8.99 6.05 -5.49
N THR A 381 8.93 7.38 -5.69
CA THR A 381 9.47 8.02 -6.88
C THR A 381 10.29 9.23 -6.48
N VAL A 382 11.40 9.43 -7.17
CA VAL A 382 12.15 10.69 -7.09
C VAL A 382 11.81 11.50 -8.33
N LEU A 383 11.30 12.71 -8.12
CA LEU A 383 10.93 13.61 -9.22
C LEU A 383 11.85 14.83 -9.24
N LEU A 384 12.44 15.09 -10.41
CA LEU A 384 13.40 16.16 -10.59
C LEU A 384 13.02 17.10 -11.71
N GLN A 385 13.40 18.37 -11.56
CA GLN A 385 13.33 19.33 -12.65
C GLN A 385 14.75 19.73 -13.07
N LEU A 386 14.99 19.63 -14.38
CA LEU A 386 16.27 20.01 -14.98
C LEU A 386 16.12 21.32 -15.74
N GLU A 387 16.95 22.30 -15.42
CA GLU A 387 17.00 23.54 -16.17
C GLU A 387 18.35 23.63 -16.89
N ASN A 388 18.31 23.71 -18.22
CA ASN A 388 19.52 23.93 -19.00
C ASN A 388 20.12 25.30 -18.67
N THR A 389 21.44 25.34 -18.53
CA THR A 389 22.15 26.53 -18.01
C THR A 389 22.45 27.60 -19.07
N MET A 390 22.32 27.24 -20.34
CA MET A 390 22.54 28.14 -21.48
C MET A 390 24.02 28.24 -21.85
N LEU B 1 8.63 -26.42 21.88
CA LEU B 1 9.88 -26.95 22.50
C LEU B 1 9.88 -26.75 24.03
N ASP B 2 10.13 -27.84 24.75
CA ASP B 2 10.07 -27.85 26.21
C ASP B 2 11.41 -27.41 26.84
N ASN B 3 11.89 -26.24 26.42
CA ASN B 3 13.13 -25.68 26.95
C ASN B 3 12.93 -24.50 27.91
N GLY B 4 11.68 -24.25 28.26
CA GLY B 4 11.31 -23.16 29.16
C GLY B 4 11.30 -21.78 28.52
N LEU B 5 11.58 -21.72 27.23
CA LEU B 5 11.63 -20.45 26.50
C LEU B 5 10.38 -20.23 25.64
N ALA B 6 10.22 -19.02 25.12
CA ALA B 6 9.07 -18.62 24.30
C ALA B 6 7.73 -19.03 24.91
N ARG B 7 7.55 -18.76 26.21
CA ARG B 7 6.28 -19.00 26.89
C ARG B 7 5.22 -18.01 26.41
N THR B 8 5.66 -16.83 25.98
CA THR B 8 4.86 -15.95 25.15
C THR B 8 5.60 -15.83 23.81
N PRO B 9 4.91 -15.39 22.73
CA PRO B 9 5.65 -15.25 21.47
C PRO B 9 6.85 -14.31 21.60
N THR B 10 7.96 -14.71 21.00
CA THR B 10 9.21 -13.93 21.06
C THR B 10 9.03 -12.56 20.41
N MET B 11 9.60 -11.54 21.05
CA MET B 11 9.57 -10.20 20.51
C MET B 11 10.99 -9.70 20.28
N GLY B 12 11.20 -9.01 19.16
CA GLY B 12 12.51 -8.49 18.81
C GLY B 12 12.61 -7.82 17.47
N TRP B 13 13.84 -7.79 16.95
CA TRP B 13 14.17 -7.11 15.69
C TRP B 13 15.05 -8.06 14.86
N LEU B 14 14.71 -8.21 13.58
CA LEU B 14 15.43 -9.06 12.65
C LEU B 14 15.72 -8.28 11.37
N HIS B 15 16.95 -8.37 10.86
CA HIS B 15 17.41 -7.46 9.80
C HIS B 15 16.90 -7.77 8.40
N TRP B 16 16.41 -8.99 8.18
CA TRP B 16 16.24 -9.50 6.82
C TRP B 16 15.42 -8.69 5.84
N GLU B 17 14.17 -8.37 6.17
CA GLU B 17 13.28 -7.74 5.19
C GLU B 17 13.82 -6.38 4.72
N ARG B 18 14.34 -5.61 5.66
CA ARG B 18 14.73 -4.23 5.41
C ARG B 18 16.17 -4.10 4.89
N PHE B 19 17.06 -4.98 5.36
CA PHE B 19 18.48 -4.87 5.01
C PHE B 19 19.00 -5.98 4.11
N MET B 20 18.35 -7.15 4.19
CA MET B 20 18.64 -8.28 3.31
C MET B 20 20.12 -8.69 3.30
N CYS B 21 20.68 -8.89 2.12
CA CYS B 21 22.04 -9.36 1.96
C CYS B 21 22.96 -8.29 1.35
N ASN B 22 22.89 -7.08 1.91
CA ASN B 22 23.73 -5.98 1.45
C ASN B 22 25.15 -6.12 2.00
N LEU B 23 26.08 -6.47 1.11
CA LEU B 23 27.46 -6.70 1.49
C LEU B 23 28.37 -5.51 1.16
N ASP B 24 27.79 -4.50 0.50
CA ASP B 24 28.54 -3.35 -0.01
C ASP B 24 28.68 -2.24 1.04
N CYS B 25 29.66 -2.37 1.92
CA CYS B 25 29.88 -1.39 2.98
C CYS B 25 30.64 -0.15 2.51
N GLN B 26 31.18 -0.22 1.29
CA GLN B 26 31.89 0.92 0.71
C GLN B 26 30.94 1.91 0.06
N GLU B 27 29.98 1.39 -0.71
CA GLU B 27 29.03 2.26 -1.40
C GLU B 27 27.66 2.37 -0.71
N GLU B 28 27.34 1.39 0.13
CA GLU B 28 26.12 1.43 0.94
C GLU B 28 26.40 1.15 2.43
N PRO B 29 27.26 1.98 3.06
CA PRO B 29 27.70 1.71 4.44
C PRO B 29 26.57 1.67 5.49
N ASP B 30 25.54 2.48 5.29
CA ASP B 30 24.45 2.60 6.25
C ASP B 30 23.49 1.41 6.17
N SER B 31 23.54 0.68 5.04
CA SER B 31 22.63 -0.43 4.73
C SER B 31 23.26 -1.81 4.78
N CYS B 32 24.59 -1.86 4.68
CA CYS B 32 25.29 -3.13 4.62
C CYS B 32 25.19 -3.89 5.93
N ILE B 33 25.30 -5.21 5.87
CA ILE B 33 25.21 -6.04 7.06
C ILE B 33 26.54 -6.01 7.81
N SER B 34 26.61 -5.15 8.82
CA SER B 34 27.83 -4.92 9.58
C SER B 34 27.57 -4.93 11.08
N GLU B 35 28.62 -5.10 11.87
CA GLU B 35 28.52 -5.01 13.33
C GLU B 35 28.10 -3.61 13.80
N LYS B 36 28.48 -2.58 13.04
CA LYS B 36 28.08 -1.20 13.33
C LYS B 36 26.55 -1.03 13.29
N LEU B 37 25.92 -1.64 12.29
CA LEU B 37 24.47 -1.60 12.13
C LEU B 37 23.77 -2.21 13.35
N PHE B 38 24.25 -3.37 13.78
CA PHE B 38 23.67 -4.06 14.92
C PHE B 38 23.93 -3.33 16.24
N MET B 39 25.13 -2.78 16.40
CA MET B 39 25.46 -1.93 17.53
C MET B 39 24.51 -0.73 17.61
N GLU B 40 24.38 -0.01 16.50
CA GLU B 40 23.54 1.19 16.47
C GLU B 40 22.07 0.86 16.72
N MET B 41 21.61 -0.23 16.11
CA MET B 41 20.25 -0.73 16.32
C MET B 41 19.99 -1.10 17.78
N ALA B 42 20.98 -1.69 18.44
CA ALA B 42 20.90 -2.03 19.86
C ALA B 42 20.77 -0.80 20.76
N GLU B 43 21.52 0.26 20.43
CA GLU B 43 21.45 1.55 21.14
C GLU B 43 20.05 2.17 21.06
N LEU B 44 19.46 2.16 19.87
CA LEU B 44 18.12 2.71 19.68
C LEU B 44 17.01 1.87 20.30
N MET B 45 17.23 0.56 20.37
CA MET B 45 16.29 -0.36 21.03
C MET B 45 16.10 0.03 22.49
N VAL B 46 17.20 0.40 23.14
CA VAL B 46 17.15 0.87 24.52
C VAL B 46 16.60 2.31 24.60
N SER B 47 17.27 3.24 23.92
CA SER B 47 16.97 4.67 24.06
C SER B 47 15.62 5.11 23.51
N GLU B 48 15.04 4.33 22.60
CA GLU B 48 13.77 4.70 21.97
C GLU B 48 12.55 3.87 22.43
N GLY B 49 12.70 3.20 23.57
CA GLY B 49 11.58 2.55 24.26
C GLY B 49 11.18 1.16 23.76
N TRP B 50 11.96 0.59 22.86
CA TRP B 50 11.63 -0.72 22.25
C TRP B 50 11.74 -1.87 23.23
N LYS B 51 12.85 -1.89 23.99
CA LYS B 51 13.08 -2.88 25.04
C LYS B 51 12.00 -2.82 26.12
N ASP B 52 11.66 -1.60 26.55
CA ASP B 52 10.58 -1.37 27.52
C ASP B 52 9.23 -1.93 27.04
N ALA B 53 8.97 -1.83 25.75
CA ALA B 53 7.73 -2.32 25.15
C ALA B 53 7.71 -3.85 25.06
N GLY B 54 8.89 -4.47 25.13
CA GLY B 54 8.99 -5.93 25.12
C GLY B 54 9.89 -6.50 24.05
N TYR B 55 10.40 -5.65 23.15
CA TYR B 55 11.28 -6.09 22.08
C TYR B 55 12.70 -6.35 22.59
N GLU B 56 12.98 -7.62 22.87
CA GLU B 56 14.15 -8.03 23.62
C GLU B 56 15.29 -8.56 22.73
N TYR B 57 14.94 -9.26 21.65
CA TYR B 57 15.91 -9.98 20.84
C TYR B 57 16.38 -9.21 19.61
N LEU B 58 17.66 -8.85 19.60
CA LEU B 58 18.30 -8.28 18.41
C LEU B 58 18.86 -9.41 17.56
N CYS B 59 18.32 -9.58 16.36
CA CYS B 59 18.58 -10.79 15.58
C CYS B 59 19.28 -10.54 14.25
N ILE B 60 20.37 -11.27 14.05
CA ILE B 60 21.09 -11.30 12.77
C ILE B 60 20.48 -12.38 11.90
N ASP B 61 20.15 -12.02 10.66
CA ASP B 61 19.69 -12.99 9.68
C ASP B 61 20.87 -13.42 8.82
N ASP B 62 20.59 -13.81 7.57
CA ASP B 62 21.61 -14.34 6.67
C ASP B 62 22.64 -13.26 6.28
N CYS B 63 23.82 -13.72 5.85
CA CYS B 63 24.88 -12.86 5.30
C CYS B 63 25.73 -12.16 6.38
N TRP B 64 25.97 -12.87 7.48
CA TRP B 64 26.89 -12.42 8.51
C TRP B 64 28.24 -13.15 8.44
N MET B 65 28.23 -14.30 7.77
CA MET B 65 29.36 -15.23 7.78
C MET B 65 30.49 -14.86 6.84
N ALA B 66 31.71 -15.29 7.20
CA ALA B 66 32.84 -15.31 6.29
C ALA B 66 32.59 -16.39 5.23
N PRO B 67 33.17 -16.24 4.01
CA PRO B 67 32.93 -17.19 2.92
C PRO B 67 33.18 -18.66 3.27
N GLN B 68 34.22 -18.91 4.06
CA GLN B 68 34.57 -20.27 4.47
C GLN B 68 34.68 -20.37 5.99
N ARG B 69 34.65 -21.60 6.50
CA ARG B 69 34.95 -21.88 7.90
C ARG B 69 36.45 -21.71 8.14
N ASP B 70 36.85 -21.46 9.40
CA ASP B 70 38.28 -21.36 9.75
C ASP B 70 39.00 -22.72 9.70
N SER B 71 40.25 -22.75 10.14
CA SER B 71 41.06 -23.98 10.11
C SER B 71 40.57 -25.07 11.07
N GLU B 72 39.65 -24.72 11.96
CA GLU B 72 39.05 -25.67 12.89
C GLU B 72 37.68 -26.18 12.42
N GLY B 73 37.18 -25.61 11.32
CA GLY B 73 35.88 -25.99 10.79
C GLY B 73 34.73 -25.29 11.49
N ARG B 74 35.05 -24.25 12.25
CA ARG B 74 34.05 -23.42 12.92
C ARG B 74 33.66 -22.24 12.03
N LEU B 75 32.41 -21.81 12.16
CA LEU B 75 31.92 -20.63 11.45
C LEU B 75 32.64 -19.38 11.92
N GLN B 76 32.80 -18.42 11.00
CA GLN B 76 33.40 -17.13 11.31
C GLN B 76 32.43 -16.05 10.88
N ALA B 77 32.42 -14.93 11.59
CA ALA B 77 31.76 -13.73 11.11
C ALA B 77 32.68 -13.11 10.05
N ASP B 78 32.11 -12.35 9.11
CA ASP B 78 32.93 -11.70 8.09
C ASP B 78 33.99 -10.82 8.74
N PRO B 79 35.28 -10.99 8.36
CA PRO B 79 36.34 -10.18 8.96
C PRO B 79 36.24 -8.67 8.67
N GLN B 80 35.77 -8.29 7.48
CA GLN B 80 35.64 -6.87 7.13
C GLN B 80 34.42 -6.20 7.72
N ARG B 81 33.29 -6.92 7.75
CA ARG B 81 32.01 -6.36 8.19
C ARG B 81 31.74 -6.56 9.68
N PHE B 82 32.29 -7.64 10.24
CA PHE B 82 32.20 -7.93 11.67
C PHE B 82 33.59 -8.16 12.27
N PRO B 83 34.50 -7.15 12.17
CA PRO B 83 35.90 -7.35 12.60
C PRO B 83 36.12 -7.73 14.06
N HIS B 84 35.16 -7.44 14.93
CA HIS B 84 35.29 -7.74 16.36
C HIS B 84 34.64 -9.07 16.76
N GLY B 85 34.00 -9.72 15.80
CA GLY B 85 33.42 -11.06 16.01
C GLY B 85 32.07 -11.03 16.69
N ILE B 86 31.41 -12.18 16.76
CA ILE B 86 30.08 -12.31 17.35
C ILE B 86 30.13 -12.28 18.87
N ARG B 87 31.22 -12.80 19.42
CA ARG B 87 31.45 -12.82 20.87
C ARG B 87 31.32 -11.43 21.50
N GLN B 88 32.03 -10.46 20.93
CA GLN B 88 32.02 -9.09 21.44
C GLN B 88 30.74 -8.34 21.09
N LEU B 89 30.09 -8.75 20.01
CA LEU B 89 28.78 -8.19 19.65
C LEU B 89 27.72 -8.64 20.65
N ALA B 90 27.79 -9.92 21.05
CA ALA B 90 26.89 -10.46 22.06
C ALA B 90 27.14 -9.79 23.43
N ASN B 91 28.41 -9.63 23.80
CA ASN B 91 28.78 -8.90 25.02
C ASN B 91 28.16 -7.50 25.03
N TYR B 92 28.30 -6.79 23.90
CA TYR B 92 27.74 -5.46 23.72
C TYR B 92 26.21 -5.44 23.85
N VAL B 93 25.56 -6.40 23.22
CA VAL B 93 24.10 -6.52 23.24
C VAL B 93 23.57 -6.84 24.65
N HIS B 94 24.27 -7.72 25.37
CA HIS B 94 23.89 -8.08 26.74
C HIS B 94 24.07 -6.93 27.74
N SER B 95 25.08 -6.09 27.51
CA SER B 95 25.33 -4.94 28.39
C SER B 95 24.19 -3.92 28.29
N LYS B 96 23.49 -3.93 27.16
CA LYS B 96 22.30 -3.09 26.96
C LYS B 96 21.03 -3.78 27.47
N GLY B 97 21.18 -4.97 28.04
CA GLY B 97 20.06 -5.72 28.59
C GLY B 97 19.25 -6.48 27.55
N LEU B 98 19.82 -6.61 26.35
CA LEU B 98 19.14 -7.25 25.23
C LEU B 98 19.72 -8.64 24.94
N LYS B 99 19.05 -9.39 24.07
CA LYS B 99 19.51 -10.73 23.69
C LYS B 99 19.89 -10.77 22.21
N LEU B 100 20.76 -11.72 21.84
CA LEU B 100 21.29 -11.79 20.48
C LEU B 100 20.83 -13.03 19.70
N GLY B 101 20.17 -12.78 18.57
CA GLY B 101 19.78 -13.83 17.64
C GLY B 101 20.77 -13.96 16.50
N ILE B 102 20.99 -15.19 16.06
CA ILE B 102 21.83 -15.44 14.88
C ILE B 102 21.10 -16.38 13.89
N TYR B 103 21.76 -16.65 12.76
CA TYR B 103 21.15 -17.37 11.66
C TYR B 103 22.10 -18.43 11.12
N ALA B 104 21.53 -19.60 10.82
CA ALA B 104 22.24 -20.69 10.17
C ALA B 104 21.28 -21.50 9.29
N ASP B 105 21.81 -22.47 8.54
CA ASP B 105 21.01 -23.25 7.59
C ASP B 105 21.25 -24.75 7.74
N VAL B 106 20.17 -25.52 7.62
CA VAL B 106 20.18 -26.97 7.80
C VAL B 106 20.91 -27.68 6.66
N GLY B 107 20.89 -27.08 5.47
CA GLY B 107 21.52 -27.66 4.29
C GLY B 107 23.01 -27.36 4.19
N ASN B 108 23.56 -27.53 2.99
CA ASN B 108 24.99 -27.34 2.77
C ASN B 108 25.40 -25.88 2.65
N LYS B 109 24.45 -25.03 2.26
CA LYS B 109 24.66 -23.59 2.21
C LYS B 109 23.46 -22.87 2.81
N THR B 110 23.66 -21.63 3.26
CA THR B 110 22.55 -20.74 3.61
C THR B 110 21.82 -20.37 2.33
N CYS B 111 20.67 -19.73 2.44
CA CYS B 111 19.93 -19.31 1.25
C CYS B 111 20.72 -18.33 0.39
N ALA B 112 21.60 -17.55 1.03
CA ALA B 112 22.42 -16.56 0.33
C ALA B 112 23.77 -17.11 -0.14
N GLY B 113 24.08 -18.35 0.23
CA GLY B 113 25.25 -19.04 -0.30
C GLY B 113 26.46 -19.12 0.61
N PHE B 114 26.27 -18.84 1.90
CA PHE B 114 27.34 -18.94 2.89
C PHE B 114 27.29 -20.28 3.64
N PRO B 115 28.38 -20.66 4.34
CA PRO B 115 28.49 -22.04 4.89
C PRO B 115 27.25 -22.57 5.62
N GLY B 116 26.80 -23.77 5.24
CA GLY B 116 25.68 -24.43 5.90
C GLY B 116 26.09 -25.33 7.04
N SER B 117 25.12 -25.72 7.87
CA SER B 117 25.39 -26.47 9.10
C SER B 117 25.36 -28.00 8.98
N PHE B 118 24.87 -28.53 7.86
CA PHE B 118 24.88 -29.99 7.66
C PHE B 118 26.29 -30.52 7.86
N GLY B 119 26.42 -31.52 8.73
CA GLY B 119 27.72 -32.12 9.07
C GLY B 119 28.42 -31.39 10.21
N TYR B 120 27.85 -30.28 10.66
CA TYR B 120 28.45 -29.45 11.70
C TYR B 120 27.47 -29.07 12.81
N TYR B 121 26.33 -29.74 12.89
CA TYR B 121 25.27 -29.37 13.85
C TYR B 121 25.76 -29.22 15.28
N ASP B 122 26.55 -30.18 15.76
CA ASP B 122 27.07 -30.14 17.12
C ASP B 122 28.16 -29.07 17.32
N ILE B 123 29.03 -28.95 16.33
CA ILE B 123 30.08 -27.93 16.35
C ILE B 123 29.45 -26.54 16.29
N ASP B 124 28.58 -26.32 15.29
CA ASP B 124 27.90 -25.03 15.08
C ASP B 124 27.10 -24.57 16.30
N ALA B 125 26.33 -25.48 16.89
CA ALA B 125 25.52 -25.17 18.06
C ALA B 125 26.37 -24.75 19.26
N GLN B 126 27.51 -25.44 19.43
CA GLN B 126 28.43 -25.15 20.52
C GLN B 126 29.12 -23.79 20.36
N THR B 127 29.56 -23.47 19.14
CA THR B 127 30.19 -22.17 18.89
C THR B 127 29.23 -21.00 19.07
N PHE B 128 27.94 -21.21 18.79
CA PHE B 128 26.92 -20.19 19.08
C PHE B 128 26.80 -19.96 20.59
N ALA B 129 26.77 -21.05 21.35
CA ALA B 129 26.68 -20.98 22.81
C ALA B 129 27.93 -20.32 23.41
N ASP B 130 29.10 -20.67 22.88
CA ASP B 130 30.37 -20.05 23.26
C ASP B 130 30.37 -18.55 23.03
N TRP B 131 29.75 -18.13 21.91
CA TRP B 131 29.65 -16.72 21.55
C TRP B 131 28.60 -15.97 22.38
N GLY B 132 27.77 -16.71 23.09
CA GLY B 132 26.71 -16.10 23.91
C GLY B 132 25.44 -15.80 23.13
N VAL B 133 25.17 -16.60 22.11
CA VAL B 133 23.96 -16.47 21.30
C VAL B 133 22.74 -16.92 22.10
N ASP B 134 21.63 -16.19 21.94
CA ASP B 134 20.40 -16.41 22.72
C ASP B 134 19.23 -16.93 21.88
N LEU B 135 19.36 -16.83 20.56
CA LEU B 135 18.34 -17.31 19.63
C LEU B 135 18.98 -17.78 18.31
N LEU B 136 18.46 -18.86 17.73
CA LEU B 136 18.87 -19.31 16.40
C LEU B 136 17.72 -19.45 15.42
N LYS B 137 17.82 -18.75 14.30
CA LYS B 137 16.92 -18.92 13.16
C LYS B 137 17.58 -19.89 12.19
N PHE B 138 16.93 -21.04 11.98
CA PHE B 138 17.51 -22.13 11.21
C PHE B 138 16.77 -22.31 9.89
N ASP B 139 17.42 -21.96 8.79
CA ASP B 139 16.81 -21.97 7.45
C ASP B 139 16.93 -23.34 6.76
N GLY B 140 16.28 -23.49 5.62
CA GLY B 140 16.16 -24.81 4.97
C GLY B 140 16.66 -24.96 3.55
N CYS B 141 17.46 -24.00 3.08
CA CYS B 141 17.96 -24.01 1.72
C CYS B 141 19.02 -25.07 1.48
N TYR B 142 19.17 -25.44 0.21
CA TYR B 142 20.17 -26.42 -0.23
C TYR B 142 20.10 -27.71 0.57
N CYS B 143 18.88 -28.19 0.71
CA CYS B 143 18.55 -29.48 1.31
C CYS B 143 17.34 -30.02 0.53
N ASP B 144 17.62 -30.86 -0.46
CA ASP B 144 16.58 -31.41 -1.36
C ASP B 144 16.02 -32.77 -0.91
N SER B 145 16.55 -33.31 0.18
CA SER B 145 16.06 -34.58 0.76
C SER B 145 15.17 -34.33 1.97
N LEU B 146 13.97 -34.90 1.95
CA LEU B 146 13.00 -34.78 3.03
C LEU B 146 13.55 -35.34 4.35
N GLU B 147 14.26 -36.46 4.25
CA GLU B 147 14.88 -37.13 5.40
C GLU B 147 15.93 -36.25 6.06
N ASN B 148 16.86 -35.72 5.26
CA ASN B 148 17.89 -34.81 5.74
C ASN B 148 17.29 -33.59 6.44
N LEU B 149 16.22 -33.05 5.85
CA LEU B 149 15.53 -31.90 6.42
C LEU B 149 15.08 -32.14 7.86
N ALA B 150 14.29 -33.19 8.06
CA ALA B 150 13.79 -33.56 9.39
C ALA B 150 14.92 -33.91 10.35
N ASP B 151 15.86 -34.77 9.90
CA ASP B 151 17.02 -35.16 10.69
C ASP B 151 17.87 -33.97 11.15
N GLY B 152 18.03 -32.99 10.26
CA GLY B 152 18.81 -31.79 10.57
C GLY B 152 18.16 -30.91 11.63
N TYR B 153 16.87 -30.64 11.46
CA TYR B 153 16.13 -29.80 12.42
C TYR B 153 16.02 -30.45 13.79
N LYS B 154 15.88 -31.77 13.80
CA LYS B 154 15.84 -32.54 15.04
C LYS B 154 17.23 -32.57 15.69
N HIS B 155 18.25 -32.84 14.88
CA HIS B 155 19.65 -32.86 15.32
C HIS B 155 20.07 -31.54 15.98
N MET B 156 19.87 -30.42 15.26
CA MET B 156 20.21 -29.08 15.76
C MET B 156 19.46 -28.70 17.04
N SER B 157 18.21 -29.14 17.15
CA SER B 157 17.43 -28.92 18.37
C SER B 157 18.13 -29.52 19.60
N LEU B 158 18.56 -30.78 19.47
CA LEU B 158 19.24 -31.49 20.54
C LEU B 158 20.66 -30.97 20.73
N ALA B 159 21.30 -30.60 19.62
CA ALA B 159 22.64 -30.02 19.64
C ALA B 159 22.71 -28.74 20.47
N LEU B 160 21.70 -27.89 20.33
CA LEU B 160 21.56 -26.67 21.14
C LEU B 160 21.28 -27.01 22.61
N ASN B 161 20.41 -28.00 22.83
CA ASN B 161 20.05 -28.45 24.18
C ASN B 161 21.28 -28.90 24.98
N ARG B 162 22.19 -29.61 24.32
CA ARG B 162 23.38 -30.17 24.97
C ARG B 162 24.42 -29.13 25.39
N THR B 163 24.32 -27.92 24.88
CA THR B 163 25.22 -26.84 25.27
C THR B 163 24.91 -26.33 26.68
N GLY B 164 23.71 -26.63 27.17
CA GLY B 164 23.23 -26.11 28.45
C GLY B 164 22.83 -24.64 28.39
N ARG B 165 22.98 -24.05 27.21
CA ARG B 165 22.67 -22.65 26.96
C ARG B 165 21.18 -22.54 26.63
N SER B 166 20.52 -21.53 27.17
CA SER B 166 19.14 -21.25 26.80
C SER B 166 19.11 -20.48 25.48
N ILE B 167 18.74 -21.17 24.41
CA ILE B 167 18.70 -20.59 23.07
C ILE B 167 17.33 -20.84 22.43
N VAL B 168 16.65 -19.77 22.05
CA VAL B 168 15.38 -19.87 21.36
C VAL B 168 15.60 -20.46 19.96
N TYR B 169 14.88 -21.53 19.67
CA TYR B 169 15.05 -22.24 18.41
C TYR B 169 13.92 -21.92 17.43
N SER B 170 14.26 -21.17 16.39
CA SER B 170 13.33 -20.71 15.36
C SER B 170 13.56 -21.50 14.08
N CYS B 171 12.56 -22.29 13.68
CA CYS B 171 12.70 -23.23 12.57
C CYS B 171 11.93 -22.82 11.33
N GLU B 172 12.44 -23.17 10.15
CA GLU B 172 11.70 -22.96 8.91
C GLU B 172 11.25 -24.31 8.34
N TRP B 173 11.33 -25.33 9.18
CA TRP B 173 10.97 -26.72 8.91
C TRP B 173 9.67 -26.89 8.09
N PRO B 174 8.50 -26.42 8.61
CA PRO B 174 7.26 -26.67 7.86
C PRO B 174 7.24 -26.06 6.45
N LEU B 175 7.81 -24.86 6.31
CA LEU B 175 7.87 -24.14 5.02
C LEU B 175 8.59 -24.94 3.93
N TYR B 176 9.67 -25.62 4.31
CA TYR B 176 10.48 -26.39 3.36
C TYR B 176 9.99 -27.82 3.18
N MET B 177 8.97 -28.19 3.95
CA MET B 177 8.31 -29.47 3.82
C MET B 177 7.24 -29.49 2.73
N TRP B 178 6.51 -28.38 2.60
CA TRP B 178 5.36 -28.28 1.70
C TRP B 178 5.58 -28.80 0.26
N PRO B 179 6.72 -28.46 -0.37
CA PRO B 179 7.10 -29.07 -1.65
C PRO B 179 7.10 -30.61 -1.69
N PHE B 180 7.13 -31.26 -0.53
CA PHE B 180 7.19 -32.73 -0.47
C PHE B 180 5.93 -33.36 0.11
N GLN B 181 5.59 -32.98 1.35
CA GLN B 181 4.37 -33.46 2.01
C GLN B 181 3.92 -32.48 3.09
N LYS B 182 2.67 -32.64 3.54
CA LYS B 182 2.14 -31.79 4.62
C LYS B 182 2.90 -32.06 5.92
N PRO B 183 3.31 -30.98 6.63
CA PRO B 183 4.09 -31.11 7.87
C PRO B 183 3.32 -31.76 9.02
N ASN B 184 4.03 -32.52 9.85
CA ASN B 184 3.51 -33.01 11.11
C ASN B 184 3.83 -31.97 12.17
N TYR B 185 2.80 -31.24 12.60
CA TYR B 185 3.01 -30.09 13.47
C TYR B 185 3.24 -30.46 14.94
N THR B 186 2.74 -31.62 15.34
CA THR B 186 3.01 -32.18 16.66
C THR B 186 4.51 -32.46 16.82
N GLU B 187 5.12 -33.00 15.78
CA GLU B 187 6.55 -33.31 15.74
C GLU B 187 7.42 -32.04 15.72
N ILE B 188 7.04 -31.07 14.88
CA ILE B 188 7.75 -29.80 14.78
C ILE B 188 7.71 -29.05 16.12
N ARG B 189 6.56 -29.06 16.78
CA ARG B 189 6.39 -28.41 18.09
C ARG B 189 7.34 -28.98 19.15
N GLN B 190 7.55 -30.30 19.09
CA GLN B 190 8.43 -31.01 20.00
C GLN B 190 9.87 -30.45 19.94
N TYR B 191 10.27 -29.96 18.76
CA TYR B 191 11.66 -29.58 18.51
C TYR B 191 11.91 -28.07 18.43
N CYS B 192 10.86 -27.29 18.15
CA CYS B 192 11.01 -25.87 17.85
C CYS B 192 10.18 -24.95 18.76
N ASN B 193 10.71 -23.75 19.04
CA ASN B 193 10.00 -22.72 19.81
C ASN B 193 9.02 -21.93 18.93
N HIS B 194 9.37 -21.81 17.66
CA HIS B 194 8.44 -21.32 16.64
C HIS B 194 8.91 -21.68 15.24
N TRP B 195 7.99 -21.58 14.29
CA TRP B 195 8.22 -22.16 12.97
C TRP B 195 7.55 -21.38 11.86
N ARG B 196 8.32 -21.11 10.82
CA ARG B 196 7.82 -20.42 9.64
C ARG B 196 6.98 -21.38 8.79
N ASN B 197 5.75 -20.97 8.51
CA ASN B 197 4.82 -21.80 7.75
C ASN B 197 4.75 -21.47 6.26
N PHE B 198 4.98 -20.21 5.94
CA PHE B 198 4.65 -19.65 4.62
C PHE B 198 5.79 -18.81 4.06
N ALA B 199 5.68 -18.47 2.77
CA ALA B 199 6.70 -17.70 2.06
C ALA B 199 7.12 -16.41 2.77
N ASP B 200 8.37 -16.00 2.56
CA ASP B 200 8.91 -14.74 3.09
C ASP B 200 8.00 -13.56 2.86
N ILE B 201 7.84 -12.74 3.88
CA ILE B 201 7.07 -11.52 3.76
C ILE B 201 7.87 -10.50 2.94
N ASP B 202 7.18 -9.60 2.25
CA ASP B 202 7.85 -8.43 1.70
C ASP B 202 7.11 -7.15 2.08
N ASP B 203 7.56 -6.02 1.55
CA ASP B 203 7.02 -4.73 1.97
C ASP B 203 5.80 -4.38 1.11
N SER B 204 4.72 -5.15 1.28
CA SER B 204 3.52 -4.97 0.49
C SER B 204 2.25 -5.48 1.16
N TRP B 205 1.12 -4.88 0.77
CA TRP B 205 -0.20 -5.30 1.20
C TRP B 205 -0.53 -6.67 0.57
N LYS B 206 -0.12 -6.86 -0.68
CA LYS B 206 -0.26 -8.15 -1.35
C LYS B 206 0.28 -9.29 -0.46
N SER B 207 1.46 -9.08 0.11
CA SER B 207 2.12 -10.07 0.96
C SER B 207 1.38 -10.32 2.28
N ILE B 208 0.88 -9.27 2.91
CA ILE B 208 0.12 -9.40 4.17
C ILE B 208 -1.12 -10.26 3.91
N LYS B 209 -1.86 -9.89 2.87
CA LYS B 209 -3.04 -10.63 2.42
C LYS B 209 -2.79 -12.10 2.17
N SER B 210 -1.71 -12.42 1.46
CA SER B 210 -1.42 -13.81 1.12
C SER B 210 -1.07 -14.63 2.38
N ILE B 211 -0.36 -14.01 3.32
CA ILE B 211 -0.08 -14.65 4.62
C ILE B 211 -1.35 -14.89 5.43
N LEU B 212 -2.24 -13.90 5.45
CA LEU B 212 -3.51 -14.02 6.17
C LEU B 212 -4.40 -15.09 5.56
N ASP B 213 -4.51 -15.07 4.23
CA ASP B 213 -5.34 -16.04 3.51
C ASP B 213 -4.81 -17.48 3.66
N TRP B 214 -3.50 -17.65 3.61
CA TRP B 214 -2.90 -18.97 3.85
C TRP B 214 -3.23 -19.46 5.25
N THR B 215 -3.08 -18.58 6.24
CA THR B 215 -3.30 -18.91 7.63
C THR B 215 -4.75 -19.32 7.86
N SER B 216 -5.69 -18.50 7.41
CA SER B 216 -7.11 -18.81 7.59
C SER B 216 -7.52 -20.06 6.80
N PHE B 217 -6.97 -20.23 5.60
CA PHE B 217 -7.27 -21.43 4.80
C PHE B 217 -6.77 -22.70 5.52
N ASN B 218 -5.62 -22.60 6.18
CA ASN B 218 -5.00 -23.75 6.83
C ASN B 218 -5.21 -23.84 8.35
N GLN B 219 -6.09 -23.00 8.88
CA GLN B 219 -6.16 -22.80 10.34
C GLN B 219 -6.53 -24.04 11.15
N GLU B 220 -7.38 -24.89 10.55
CA GLU B 220 -7.80 -26.14 11.16
C GLU B 220 -6.59 -27.07 11.38
N ARG B 221 -5.48 -26.79 10.70
CA ARG B 221 -4.26 -27.59 10.84
C ARG B 221 -3.21 -27.00 11.80
N ILE B 222 -3.21 -25.68 11.95
CA ILE B 222 -2.12 -25.02 12.69
C ILE B 222 -2.50 -24.29 13.99
N VAL B 223 -3.78 -23.92 14.15
CA VAL B 223 -4.19 -23.08 15.29
C VAL B 223 -3.96 -23.74 16.65
N ASP B 224 -4.49 -24.96 16.82
CA ASP B 224 -4.47 -25.65 18.10
C ASP B 224 -3.10 -26.18 18.54
N VAL B 225 -2.15 -26.29 17.60
CA VAL B 225 -0.78 -26.73 17.93
C VAL B 225 0.02 -25.62 18.63
N ALA B 226 -0.36 -24.37 18.39
CA ALA B 226 0.29 -23.20 18.99
C ALA B 226 -0.03 -23.09 20.47
N GLY B 227 0.94 -22.60 21.25
CA GLY B 227 0.81 -22.47 22.69
C GLY B 227 2.16 -22.14 23.33
N PRO B 228 2.18 -21.87 24.64
CA PRO B 228 3.41 -21.53 25.33
C PRO B 228 4.54 -22.50 24.97
N GLY B 229 5.61 -21.95 24.41
CA GLY B 229 6.79 -22.72 24.05
C GLY B 229 6.86 -23.15 22.59
N GLY B 230 5.79 -22.89 21.84
CA GLY B 230 5.69 -23.29 20.43
C GLY B 230 4.64 -22.50 19.66
N TRP B 231 5.10 -21.63 18.77
CA TRP B 231 4.23 -20.70 18.05
C TRP B 231 4.34 -20.83 16.53
N ASN B 232 3.25 -20.54 15.84
CA ASN B 232 3.28 -20.37 14.38
C ASN B 232 3.94 -19.04 14.07
N ASP B 233 4.81 -19.03 13.07
CA ASP B 233 5.51 -17.80 12.67
C ASP B 233 5.06 -17.35 11.28
N PRO B 234 4.24 -16.29 11.20
CA PRO B 234 3.80 -15.74 9.91
C PRO B 234 4.77 -14.72 9.31
N ASP B 235 5.97 -14.62 9.90
CA ASP B 235 7.07 -13.77 9.45
C ASP B 235 7.05 -12.35 10.04
N MET B 236 8.06 -11.58 9.66
CA MET B 236 8.38 -10.27 10.26
C MET B 236 7.28 -9.23 10.19
N LEU B 237 7.21 -8.39 11.23
CA LEU B 237 6.50 -7.12 11.16
C LEU B 237 7.27 -6.16 10.27
N VAL B 238 6.57 -5.57 9.30
CA VAL B 238 7.22 -4.70 8.32
C VAL B 238 6.67 -3.28 8.42
N ILE B 239 5.96 -3.00 9.50
CA ILE B 239 5.53 -1.66 9.86
C ILE B 239 6.75 -0.75 10.02
N GLY B 240 6.66 0.47 9.49
CA GLY B 240 7.71 1.47 9.62
C GLY B 240 8.56 1.64 8.39
N ASN B 241 8.28 0.82 7.37
CA ASN B 241 9.01 0.89 6.11
C ASN B 241 8.24 1.70 5.05
N PHE B 242 7.97 1.12 3.87
CA PHE B 242 7.58 1.94 2.71
C PHE B 242 6.32 1.53 1.95
N GLY B 243 5.98 0.25 2.00
CA GLY B 243 4.96 -0.33 1.13
C GLY B 243 3.56 -0.44 1.69
N LEU B 244 3.40 -0.19 3.00
CA LEU B 244 2.09 -0.29 3.63
C LEU B 244 1.49 1.07 3.96
N SER B 245 0.21 1.25 3.61
CA SER B 245 -0.56 2.40 4.08
C SER B 245 -0.78 2.27 5.60
N TRP B 246 -1.13 3.37 6.24
CA TRP B 246 -1.41 3.36 7.69
C TRP B 246 -2.39 2.25 8.08
N ASN B 247 -3.48 2.15 7.33
CA ASN B 247 -4.51 1.13 7.59
C ASN B 247 -4.01 -0.30 7.41
N GLN B 248 -3.13 -0.50 6.43
CA GLN B 248 -2.52 -1.81 6.18
C GLN B 248 -1.53 -2.16 7.30
N GLN B 249 -0.82 -1.15 7.81
CA GLN B 249 0.01 -1.31 9.01
C GLN B 249 -0.81 -1.72 10.24
N VAL B 250 -1.96 -1.06 10.44
CA VAL B 250 -2.89 -1.41 11.51
C VAL B 250 -3.35 -2.87 11.38
N THR B 251 -3.72 -3.26 10.16
CA THR B 251 -4.12 -4.63 9.88
C THR B 251 -3.04 -5.63 10.31
N GLN B 252 -1.78 -5.37 9.93
CA GLN B 252 -0.69 -6.29 10.30
C GLN B 252 -0.50 -6.40 11.81
N MET B 253 -0.41 -5.26 12.51
CA MET B 253 -0.26 -5.26 13.96
C MET B 253 -1.41 -6.01 14.65
N ALA B 254 -2.64 -5.63 14.31
CA ALA B 254 -3.83 -6.25 14.88
C ALA B 254 -3.85 -7.77 14.70
N LEU B 255 -3.53 -8.22 13.50
CA LEU B 255 -3.67 -9.63 13.16
C LEU B 255 -2.53 -10.49 13.68
N TRP B 256 -1.33 -9.93 13.73
CA TRP B 256 -0.20 -10.61 14.36
C TRP B 256 -0.46 -10.79 15.88
N ALA B 257 -1.25 -9.89 16.47
CA ALA B 257 -1.73 -10.05 17.85
C ALA B 257 -2.75 -11.18 18.00
N ILE B 258 -3.74 -11.21 17.10
CA ILE B 258 -4.75 -12.28 17.04
C ILE B 258 -4.06 -13.64 16.86
N MET B 259 -3.04 -13.69 16.01
CA MET B 259 -2.40 -14.96 15.62
C MET B 259 -1.38 -15.53 16.61
N ALA B 260 -1.15 -14.84 17.75
CA ALA B 260 -0.09 -15.24 18.69
C ALA B 260 1.26 -15.39 17.96
N ALA B 261 1.56 -14.41 17.11
CA ALA B 261 2.76 -14.45 16.27
C ALA B 261 3.97 -13.93 17.02
N PRO B 262 5.15 -14.54 16.79
CA PRO B 262 6.34 -13.82 17.25
C PRO B 262 6.35 -12.45 16.57
N LEU B 263 6.77 -11.44 17.32
CA LEU B 263 6.82 -10.07 16.80
C LEU B 263 8.27 -9.66 16.55
N PHE B 264 8.77 -9.98 15.36
CA PHE B 264 10.09 -9.53 14.93
C PHE B 264 9.96 -8.40 13.93
N MET B 265 10.19 -7.16 14.40
CA MET B 265 10.22 -6.01 13.50
C MET B 265 11.38 -6.16 12.52
N SER B 266 11.16 -5.81 11.27
CA SER B 266 12.25 -5.64 10.33
C SER B 266 12.08 -4.27 9.69
N ASN B 267 12.81 -3.30 10.24
CA ASN B 267 12.72 -1.91 9.83
C ASN B 267 14.02 -1.22 10.18
N ASP B 268 14.07 0.10 10.01
CA ASP B 268 15.22 0.87 10.44
C ASP B 268 14.81 1.75 11.63
N LEU B 269 15.25 1.38 12.82
CA LEU B 269 14.93 2.12 14.04
C LEU B 269 15.49 3.53 14.10
N ARG B 270 16.46 3.83 13.23
CA ARG B 270 17.05 5.16 13.09
C ARG B 270 16.20 6.11 12.25
N HIS B 271 15.31 5.56 11.43
CA HIS B 271 14.48 6.34 10.52
C HIS B 271 13.08 5.77 10.52
N ILE B 272 12.32 6.08 11.55
CA ILE B 272 10.98 5.54 11.71
C ILE B 272 10.03 6.63 12.23
N SER B 273 8.86 6.74 11.61
CA SER B 273 7.88 7.78 11.97
C SER B 273 7.33 7.59 13.39
N PRO B 274 6.93 8.71 14.04
CA PRO B 274 6.26 8.64 15.34
C PRO B 274 5.00 7.77 15.33
N GLN B 275 4.28 7.79 14.21
CA GLN B 275 3.04 7.02 14.04
C GLN B 275 3.30 5.49 14.02
N ALA B 276 4.26 5.06 13.19
CA ALA B 276 4.65 3.65 13.12
C ALA B 276 5.21 3.14 14.45
N LYS B 277 6.03 3.98 15.10
CA LYS B 277 6.59 3.67 16.43
C LYS B 277 5.48 3.46 17.48
N ALA B 278 4.54 4.39 17.54
CA ALA B 278 3.41 4.31 18.48
C ALA B 278 2.58 3.02 18.29
N LEU B 279 2.36 2.66 17.03
CA LEU B 279 1.64 1.43 16.69
C LEU B 279 2.42 0.18 17.13
N LEU B 280 3.72 0.14 16.82
CA LEU B 280 4.57 -0.99 17.19
C LEU B 280 4.77 -1.13 18.70
N GLN B 281 4.69 -0.01 19.41
CA GLN B 281 4.87 0.03 20.85
C GLN B 281 3.55 0.09 21.64
N ASP B 282 2.43 -0.12 20.95
CA ASP B 282 1.10 -0.06 21.56
C ASP B 282 0.92 -1.09 22.67
N LYS B 283 0.90 -0.62 23.92
CA LYS B 283 0.80 -1.48 25.13
C LYS B 283 -0.32 -2.51 25.09
N ASP B 284 -1.53 -2.06 24.75
CA ASP B 284 -2.72 -2.89 24.77
C ASP B 284 -2.72 -3.96 23.68
N VAL B 285 -2.21 -3.61 22.50
CA VAL B 285 -2.14 -4.55 21.38
C VAL B 285 -1.05 -5.59 21.64
N ILE B 286 0.11 -5.14 22.11
CA ILE B 286 1.19 -6.05 22.53
C ILE B 286 0.72 -6.98 23.66
N ALA B 287 -0.12 -6.45 24.57
CA ALA B 287 -0.66 -7.26 25.66
C ALA B 287 -1.55 -8.39 25.15
N ILE B 288 -2.28 -8.14 24.06
CA ILE B 288 -3.07 -9.20 23.42
C ILE B 288 -2.14 -10.29 22.87
N ASN B 289 -1.17 -9.88 22.04
CA ASN B 289 -0.18 -10.80 21.48
C ASN B 289 0.51 -11.63 22.57
N GLN B 290 0.81 -10.98 23.69
CA GLN B 290 1.57 -11.59 24.78
C GLN B 290 0.71 -12.25 25.84
N ASP B 291 -0.58 -12.43 25.57
CA ASP B 291 -1.52 -12.99 26.55
C ASP B 291 -1.04 -14.33 27.12
N PRO B 292 -1.04 -14.48 28.46
CA PRO B 292 -0.45 -15.68 29.09
C PRO B 292 -1.18 -17.02 28.84
N LEU B 293 -2.46 -16.98 28.42
CA LEU B 293 -3.17 -18.20 28.00
C LEU B 293 -2.49 -18.86 26.79
N GLY B 294 -1.96 -18.04 25.88
CA GLY B 294 -1.23 -18.56 24.72
C GLY B 294 -2.06 -19.36 23.73
N LYS B 295 -3.34 -19.02 23.60
CA LYS B 295 -4.23 -19.65 22.63
C LYS B 295 -4.26 -18.81 21.37
N GLN B 296 -3.82 -19.38 20.25
CA GLN B 296 -3.83 -18.66 18.98
C GLN B 296 -5.28 -18.41 18.54
N GLY B 297 -5.53 -17.24 17.96
CA GLY B 297 -6.84 -16.91 17.42
C GLY B 297 -7.05 -17.46 16.02
N TYR B 298 -8.19 -17.13 15.42
CA TYR B 298 -8.62 -17.76 14.17
C TYR B 298 -9.59 -16.86 13.41
N GLN B 299 -9.89 -17.23 12.17
CA GLN B 299 -10.94 -16.56 11.42
C GLN B 299 -12.31 -17.13 11.79
N LEU B 300 -13.17 -16.27 12.32
CA LEU B 300 -14.51 -16.65 12.69
C LEU B 300 -15.43 -16.64 11.48
N ARG B 301 -15.35 -15.56 10.70
CA ARG B 301 -16.27 -15.30 9.60
C ARG B 301 -15.57 -14.64 8.42
N GLN B 302 -16.13 -14.89 7.23
CA GLN B 302 -15.67 -14.27 5.99
C GLN B 302 -16.89 -14.14 5.07
N GLY B 303 -16.94 -13.03 4.34
CA GLY B 303 -17.99 -12.80 3.35
C GLY B 303 -18.21 -11.33 3.12
N ASP B 304 -18.57 -10.99 1.88
CA ASP B 304 -18.84 -9.61 1.46
C ASP B 304 -17.62 -8.70 1.66
N ASN B 305 -16.45 -9.24 1.36
CA ASN B 305 -15.16 -8.56 1.56
C ASN B 305 -14.91 -8.05 2.99
N PHE B 306 -15.49 -8.77 3.96
CA PHE B 306 -15.22 -8.58 5.39
C PHE B 306 -14.61 -9.86 5.96
N GLU B 307 -13.76 -9.70 6.95
CA GLU B 307 -13.26 -10.82 7.74
C GLU B 307 -13.43 -10.51 9.22
N VAL B 308 -13.88 -11.51 9.97
CA VAL B 308 -13.93 -11.40 11.42
C VAL B 308 -13.00 -12.45 12.03
N TRP B 309 -12.03 -11.99 12.81
CA TRP B 309 -11.16 -12.88 13.57
C TRP B 309 -11.36 -12.61 15.06
N GLU B 310 -11.10 -13.64 15.88
CA GLU B 310 -11.11 -13.50 17.32
C GLU B 310 -10.04 -14.34 18.00
N ARG B 311 -9.61 -13.88 19.18
CA ARG B 311 -8.67 -14.63 19.99
C ARG B 311 -9.13 -14.69 21.44
N PRO B 312 -9.19 -15.91 22.01
CA PRO B 312 -9.46 -16.05 23.43
C PRO B 312 -8.27 -15.61 24.26
N LEU B 313 -8.55 -14.80 25.28
CA LEU B 313 -7.53 -14.32 26.21
C LEU B 313 -7.84 -14.87 27.60
N SER B 314 -6.88 -14.72 28.52
CA SER B 314 -7.08 -15.14 29.91
C SER B 314 -8.18 -14.33 30.56
N GLY B 315 -8.87 -14.94 31.51
CA GLY B 315 -9.87 -14.26 32.30
C GLY B 315 -11.14 -13.98 31.54
N LEU B 316 -11.44 -14.85 30.59
CA LEU B 316 -12.69 -14.80 29.81
C LEU B 316 -12.79 -13.55 28.93
N ALA B 317 -11.64 -12.94 28.64
CA ALA B 317 -11.56 -11.81 27.74
C ALA B 317 -11.33 -12.30 26.31
N TRP B 318 -11.66 -11.45 25.35
CA TRP B 318 -11.49 -11.76 23.92
C TRP B 318 -11.03 -10.56 23.12
N ALA B 319 -10.17 -10.82 22.14
CA ALA B 319 -9.82 -9.82 21.13
C ALA B 319 -10.56 -10.15 19.84
N VAL B 320 -11.19 -9.14 19.25
CA VAL B 320 -11.93 -9.31 18.00
C VAL B 320 -11.37 -8.34 16.96
N ALA B 321 -11.04 -8.88 15.79
CA ALA B 321 -10.52 -8.09 14.67
C ALA B 321 -11.45 -8.16 13.47
N MET B 322 -11.86 -7.01 12.98
CA MET B 322 -12.70 -6.93 11.78
C MET B 322 -11.94 -6.27 10.63
N ILE B 323 -11.71 -7.02 9.55
CA ILE B 323 -10.97 -6.53 8.39
C ILE B 323 -11.92 -6.19 7.25
N ASN B 324 -11.67 -5.04 6.61
CA ASN B 324 -12.38 -4.65 5.39
C ASN B 324 -11.46 -4.89 4.19
N ARG B 325 -11.81 -5.87 3.37
CA ARG B 325 -10.96 -6.30 2.26
C ARG B 325 -11.36 -5.66 0.91
N GLN B 326 -12.39 -4.83 0.91
CA GLN B 326 -12.77 -4.10 -0.28
C GLN B 326 -11.80 -2.93 -0.44
N GLU B 327 -11.16 -2.83 -1.60
CA GLU B 327 -10.10 -1.84 -1.81
C GLU B 327 -10.55 -0.70 -2.72
N ILE B 328 -11.79 -0.27 -2.52
CA ILE B 328 -12.39 0.84 -3.26
C ILE B 328 -13.43 1.49 -2.35
N GLY B 329 -13.76 2.75 -2.60
CA GLY B 329 -14.75 3.46 -1.79
C GLY B 329 -14.24 3.91 -0.42
N GLY B 330 -15.16 4.01 0.53
CA GLY B 330 -14.84 4.52 1.86
C GLY B 330 -15.09 3.50 2.97
N PRO B 331 -15.09 3.97 4.24
CA PRO B 331 -15.35 3.08 5.38
C PRO B 331 -16.70 2.39 5.24
N ARG B 332 -16.74 1.10 5.57
CA ARG B 332 -17.98 0.34 5.47
C ARG B 332 -18.46 -0.12 6.84
N SER B 333 -19.76 -0.01 7.08
CA SER B 333 -20.32 -0.48 8.34
C SER B 333 -20.40 -2.00 8.38
N TYR B 334 -20.08 -2.55 9.54
CA TYR B 334 -20.25 -3.96 9.81
C TYR B 334 -20.95 -4.08 11.16
N THR B 335 -21.99 -4.91 11.22
CA THR B 335 -22.66 -5.16 12.48
C THR B 335 -22.65 -6.67 12.82
N ILE B 336 -22.50 -6.97 14.10
CA ILE B 336 -22.51 -8.36 14.58
C ILE B 336 -23.16 -8.44 15.96
N ALA B 337 -23.88 -9.53 16.21
CA ALA B 337 -24.43 -9.79 17.53
C ALA B 337 -23.28 -10.21 18.43
N VAL B 338 -23.17 -9.58 19.60
CA VAL B 338 -22.07 -9.90 20.51
C VAL B 338 -22.13 -11.35 21.01
N ALA B 339 -23.32 -11.95 20.92
CA ALA B 339 -23.54 -13.37 21.22
C ALA B 339 -22.79 -14.30 20.29
N SER B 340 -22.49 -13.83 19.08
CA SER B 340 -21.70 -14.58 18.09
C SER B 340 -20.20 -14.55 18.40
N LEU B 341 -19.78 -13.60 19.22
CA LEU B 341 -18.38 -13.38 19.57
C LEU B 341 -17.98 -14.22 20.77
N GLY B 342 -16.72 -14.66 20.78
CA GLY B 342 -16.15 -15.40 21.91
C GLY B 342 -16.89 -16.67 22.27
N LYS B 343 -17.40 -17.37 21.25
CA LYS B 343 -18.20 -18.59 21.42
C LYS B 343 -19.41 -18.41 22.35
N GLY B 344 -19.95 -17.19 22.41
CA GLY B 344 -21.11 -16.87 23.25
C GLY B 344 -20.79 -16.62 24.71
N VAL B 345 -19.50 -16.68 25.05
CA VAL B 345 -19.02 -16.56 26.42
C VAL B 345 -18.55 -15.13 26.76
N ALA B 346 -17.96 -14.45 25.78
CA ALA B 346 -17.35 -13.14 26.00
C ALA B 346 -18.30 -12.14 26.66
N CYS B 347 -19.54 -12.11 26.19
CA CYS B 347 -20.49 -11.09 26.62
C CYS B 347 -21.73 -11.66 27.31
N ASN B 348 -21.53 -12.78 28.01
CA ASN B 348 -22.59 -13.41 28.82
C ASN B 348 -22.29 -13.25 30.32
N PRO B 349 -23.13 -12.48 31.05
CA PRO B 349 -24.34 -11.79 30.59
C PRO B 349 -24.05 -10.43 29.94
N ALA B 350 -22.81 -9.96 30.07
CA ALA B 350 -22.38 -8.68 29.51
C ALA B 350 -20.88 -8.65 29.26
N CYS B 351 -20.46 -7.70 28.43
CA CYS B 351 -19.06 -7.38 28.26
C CYS B 351 -18.87 -5.87 28.16
N PHE B 352 -17.71 -5.40 28.59
CA PHE B 352 -17.30 -4.03 28.33
C PHE B 352 -16.35 -4.05 27.12
N ILE B 353 -16.73 -3.31 26.08
CA ILE B 353 -15.96 -3.31 24.83
C ILE B 353 -15.12 -2.04 24.68
N THR B 354 -13.85 -2.24 24.35
CA THR B 354 -12.90 -1.16 24.14
C THR B 354 -12.28 -1.37 22.77
N GLN B 355 -12.46 -0.40 21.87
CA GLN B 355 -11.75 -0.38 20.60
C GLN B 355 -10.29 -0.04 20.87
N LEU B 356 -9.39 -0.79 20.24
CA LEU B 356 -7.96 -0.54 20.40
C LEU B 356 -7.34 0.04 19.15
N LEU B 357 -7.83 -0.39 17.99
CA LEU B 357 -7.34 0.07 16.71
C LEU B 357 -8.53 0.33 15.80
N PRO B 358 -8.45 1.36 14.91
CA PRO B 358 -7.31 2.26 14.65
C PRO B 358 -7.00 3.26 15.75
N VAL B 359 -8.00 3.61 16.57
CA VAL B 359 -7.79 4.45 17.75
C VAL B 359 -8.38 3.80 19.01
N LYS B 360 -7.87 4.19 20.18
CA LYS B 360 -8.39 3.66 21.43
C LYS B 360 -9.60 4.44 21.92
N ARG B 361 -10.70 3.72 22.10
CA ARG B 361 -11.97 4.33 22.46
C ARG B 361 -12.82 3.30 23.19
N LYS B 362 -13.25 3.65 24.40
CA LYS B 362 -14.17 2.84 25.17
C LYS B 362 -15.54 2.89 24.51
N LEU B 363 -16.07 1.72 24.16
CA LEU B 363 -17.39 1.63 23.52
C LEU B 363 -18.52 1.38 24.53
N GLY B 364 -18.18 1.00 25.76
CA GLY B 364 -19.17 0.81 26.82
C GLY B 364 -19.66 -0.62 27.01
N PHE B 365 -20.73 -0.76 27.80
CA PHE B 365 -21.31 -2.07 28.12
C PHE B 365 -22.23 -2.62 27.02
N TYR B 366 -22.09 -3.92 26.75
CA TYR B 366 -22.92 -4.62 25.78
C TYR B 366 -23.54 -5.84 26.43
N GLU B 367 -24.87 -5.89 26.45
CA GLU B 367 -25.63 -7.04 26.93
C GLU B 367 -25.43 -8.22 25.98
N TRP B 368 -25.66 -9.44 26.46
CA TRP B 368 -25.53 -10.63 25.62
C TRP B 368 -26.40 -10.59 24.35
N THR B 369 -27.57 -9.98 24.46
CA THR B 369 -28.51 -9.89 23.34
C THR B 369 -28.22 -8.74 22.36
N SER B 370 -27.27 -7.88 22.70
CA SER B 370 -27.04 -6.64 21.96
C SER B 370 -26.19 -6.80 20.70
N ARG B 371 -26.14 -5.76 19.88
CA ARG B 371 -25.35 -5.76 18.65
C ARG B 371 -24.22 -4.74 18.68
N LEU B 372 -23.07 -5.16 18.17
CA LEU B 372 -21.92 -4.29 17.98
C LEU B 372 -21.90 -3.76 16.55
N ARG B 373 -21.95 -2.44 16.42
CA ARG B 373 -21.93 -1.77 15.12
C ARG B 373 -20.65 -0.98 14.97
N SER B 374 -19.97 -1.18 13.85
CA SER B 374 -18.67 -0.54 13.61
C SER B 374 -18.50 -0.13 12.14
N HIS B 375 -17.49 0.70 11.89
CA HIS B 375 -17.12 1.12 10.54
C HIS B 375 -15.64 0.83 10.33
N ILE B 376 -15.30 0.24 9.18
CA ILE B 376 -13.95 -0.22 8.91
C ILE B 376 -13.38 0.33 7.59
N ASN B 377 -12.22 0.97 7.67
CA ASN B 377 -11.55 1.56 6.51
C ASN B 377 -11.10 0.49 5.51
N PRO B 378 -11.19 0.78 4.19
CA PRO B 378 -10.64 -0.12 3.18
C PRO B 378 -9.19 -0.53 3.51
N THR B 379 -8.98 -1.85 3.54
CA THR B 379 -7.69 -2.50 3.89
C THR B 379 -7.30 -2.31 5.36
N GLY B 380 -8.17 -1.66 6.12
CA GLY B 380 -7.94 -1.48 7.56
C GLY B 380 -8.57 -2.58 8.39
N THR B 381 -8.28 -2.53 9.69
CA THR B 381 -8.83 -3.45 10.67
C THR B 381 -9.31 -2.67 11.91
N VAL B 382 -10.48 -3.04 12.41
CA VAL B 382 -10.92 -2.60 13.73
C VAL B 382 -10.61 -3.73 14.74
N LEU B 383 -9.78 -3.41 15.73
CA LEU B 383 -9.44 -4.34 16.82
C LEU B 383 -10.13 -3.93 18.12
N LEU B 384 -10.86 -4.88 18.70
CA LEU B 384 -11.63 -4.63 19.90
C LEU B 384 -11.19 -5.58 20.99
N GLN B 385 -11.29 -5.12 22.24
CA GLN B 385 -11.12 -6.01 23.36
C GLN B 385 -12.39 -6.10 24.18
N LEU B 386 -12.83 -7.33 24.41
CA LEU B 386 -14.05 -7.62 25.14
C LEU B 386 -13.70 -8.13 26.53
N GLU B 387 -14.25 -7.48 27.54
CA GLU B 387 -14.01 -7.86 28.92
C GLU B 387 -15.31 -8.35 29.52
N ASN B 388 -15.35 -9.64 29.84
CA ASN B 388 -16.54 -10.25 30.46
C ASN B 388 -16.84 -9.61 31.82
N THR B 389 -18.12 -9.33 32.07
CA THR B 389 -18.53 -8.63 33.28
C THR B 389 -19.95 -8.99 33.71
N MET B 390 -20.19 -8.90 35.02
CA MET B 390 -21.54 -9.03 35.58
C MET B 390 -22.25 -7.68 35.56
N GLN B 391 -21.48 -6.60 35.62
CA GLN B 391 -22.00 -5.21 35.64
C GLN B 391 -22.78 -4.87 34.37
C1 NAG C . -30.39 0.10 -27.22
C2 NAG C . -29.30 -0.27 -28.24
C3 NAG C . -29.88 -0.53 -29.64
C4 NAG C . -31.12 -1.44 -29.60
C5 NAG C . -32.10 -1.02 -28.50
C6 NAG C . -33.20 -2.07 -28.34
C7 NAG C . -27.04 0.54 -27.83
C8 NAG C . -25.99 1.56 -28.21
N2 NAG C . -28.27 0.75 -28.31
O3 NAG C . -28.89 -1.11 -30.47
O4 NAG C . -31.76 -1.42 -30.85
O5 NAG C . -31.43 -0.85 -27.24
O6 NAG C . -32.68 -3.13 -27.56
O7 NAG C . -26.74 -0.41 -27.12
C1 FUC C . -33.53 -4.30 -27.65
C2 FUC C . -32.66 -5.53 -27.91
C3 FUC C . -31.78 -5.84 -26.69
C4 FUC C . -32.56 -5.81 -25.37
C5 FUC C . -33.57 -4.65 -25.29
C6 FUC C . -34.51 -4.78 -24.10
O2 FUC C . -31.84 -5.31 -29.05
O3 FUC C . -31.13 -7.07 -26.90
O4 FUC C . -33.20 -7.06 -25.17
O5 FUC C . -34.32 -4.51 -26.49
C1 NAG D . -17.26 24.19 -32.05
C2 NAG D . -16.61 25.01 -30.93
C3 NAG D . -15.70 26.11 -31.48
C4 NAG D . -14.74 25.58 -32.55
C5 NAG D . -15.56 24.84 -33.60
C6 NAG D . -14.72 24.32 -34.76
C7 NAG D . -17.88 25.18 -28.83
C8 NAG D . -18.91 25.95 -28.07
N2 NAG D . -17.60 25.61 -30.06
O3 NAG D . -14.98 26.70 -30.40
O4 NAG D . -14.08 26.67 -33.15
O5 NAG D . -16.28 23.77 -32.99
O6 NAG D . -14.01 23.15 -34.39
O7 NAG D . -17.34 24.19 -28.31
C1 NAG D . -12.69 26.74 -32.81
C2 NAG D . -11.94 27.33 -33.99
C3 NAG D . -10.47 27.57 -33.67
C4 NAG D . -10.33 28.36 -32.37
C5 NAG D . -11.10 27.63 -31.27
C6 NAG D . -11.00 28.31 -29.90
C7 NAG D . -12.62 26.77 -36.27
C8 NAG D . -12.36 25.84 -37.42
N2 NAG D . -12.03 26.42 -35.12
O3 NAG D . -9.85 28.25 -34.74
O4 NAG D . -8.96 28.49 -32.07
O5 NAG D . -12.46 27.52 -31.64
O6 NAG D . -12.06 29.21 -29.72
O7 NAG D . -13.33 27.76 -36.40
C1 BMA D . -8.61 29.87 -31.87
C2 BMA D . -7.38 29.94 -30.97
C3 BMA D . -6.97 31.40 -30.73
C4 BMA D . -6.85 32.18 -32.04
C5 BMA D . -8.07 31.96 -32.96
C6 BMA D . -7.79 32.52 -34.35
O2 BMA D . -6.30 29.22 -31.59
O3 BMA D . -5.73 31.43 -30.01
O4 BMA D . -6.71 33.58 -31.74
O5 BMA D . -8.39 30.57 -33.10
O6 BMA D . -8.58 33.70 -34.55
C1 NAG E . 17.02 -29.85 27.25
C2 NAG E . 16.52 -28.48 27.75
C3 NAG E . 15.90 -28.64 29.14
C4 NAG E . 14.75 -29.63 29.08
C5 NAG E . 15.23 -30.94 28.42
C6 NAG E . 14.12 -31.96 28.17
C7 NAG E . 18.44 -27.12 28.58
C8 NAG E . 18.50 -25.66 28.96
N2 NAG E . 17.55 -27.44 27.65
O3 NAG E . 15.45 -27.39 29.64
O4 NAG E . 14.31 -29.87 30.39
O5 NAG E . 15.89 -30.71 27.19
O6 NAG E . 13.03 -31.37 27.49
O7 NAG E . 19.21 -27.94 29.10
C1 NAG E . 12.93 -29.49 30.62
C2 NAG E . 12.34 -30.47 31.63
C3 NAG E . 10.96 -30.05 32.17
C4 NAG E . 10.79 -28.55 32.42
C5 NAG E . 11.50 -27.73 31.34
C6 NAG E . 11.52 -26.23 31.66
C7 NAG E . 12.90 -32.84 31.51
C8 NAG E . 12.50 -34.19 30.96
N2 NAG E . 12.24 -31.79 31.03
O3 NAG E . 10.73 -30.78 33.36
O4 NAG E . 9.39 -28.29 32.37
O5 NAG E . 12.83 -28.18 31.13
O6 NAG E . 12.79 -25.83 32.11
O7 NAG E . 13.80 -32.76 32.35
C1 BMA E . 8.73 -27.75 33.56
C2 BMA E . 8.69 -28.67 34.79
C3 BMA E . 7.71 -28.13 35.83
C4 BMA E . 7.87 -26.62 36.07
C5 BMA E . 8.07 -25.83 34.77
C6 BMA E . 8.38 -24.36 35.04
O2 BMA E . 10.00 -28.79 35.38
O3 BMA E . 7.84 -28.84 37.06
O4 BMA E . 6.71 -26.14 36.76
O5 BMA E . 9.11 -26.44 33.98
O6 BMA E . 7.17 -23.62 35.21
C1 NAG F . -7.49 7.82 -38.04
C2 NAG F . -7.32 7.37 -39.51
C3 NAG F . -7.09 8.54 -40.46
C4 NAG F . -8.00 9.75 -40.19
C5 NAG F . -8.16 10.03 -38.69
C6 NAG F . -9.27 11.05 -38.44
C7 NAG F . -6.38 5.11 -39.62
C8 NAG F . -5.15 4.29 -39.37
N2 NAG F . -6.21 6.44 -39.64
O3 NAG F . -7.33 8.09 -41.77
O4 NAG F . -7.49 10.89 -40.86
O5 NAG F . -8.48 8.84 -37.98
O6 NAG F . -10.53 10.45 -38.65
O7 NAG F . -7.48 4.55 -39.78
S SO4 G . -7.71 18.88 -31.94
O1 SO4 G . -8.04 20.06 -32.76
O2 SO4 G . -6.50 18.25 -32.48
O3 SO4 G . -7.49 19.29 -30.56
O4 SO4 G . -8.82 17.93 -32.01
S SO4 H . 23.98 5.32 -18.32
O1 SO4 H . 25.26 5.92 -17.94
O2 SO4 H . 24.17 4.41 -19.43
O3 SO4 H . 23.48 4.59 -17.15
O4 SO4 H . 23.07 6.36 -18.73
C ACY I . 20.25 10.40 -2.25
O ACY I . 20.11 10.31 -1.01
OXT ACY I . 21.23 9.95 -2.87
CH3 ACY I . 19.15 11.06 -3.02
C1 NAG J . 25.90 -31.86 1.32
C2 NAG J . 24.59 -32.66 1.14
C3 NAG J . 24.79 -34.18 0.99
C4 NAG J . 26.09 -34.61 0.31
C5 NAG J . 27.26 -33.75 0.79
C6 NAG J . 28.58 -34.15 0.12
C7 NAG J . 22.47 -31.98 2.30
C8 NAG J . 21.76 -32.08 3.61
N2 NAG J . 23.76 -32.37 2.31
O3 NAG J . 23.69 -34.74 0.28
O4 NAG J . 26.36 -35.98 0.53
O5 NAG J . 26.97 -32.39 0.53
O6 NAG J . 28.84 -33.35 -1.02
O7 NAG J . 21.88 -31.56 1.30
C1 NAG K . 3.29 -36.80 14.16
C2 NAG K . 2.59 -38.16 14.09
C3 NAG K . 2.38 -38.79 15.47
C4 NAG K . 3.58 -38.62 16.41
C5 NAG K . 4.19 -37.21 16.31
C6 NAG K . 5.47 -37.09 17.14
C7 NAG K . 1.06 -38.68 12.25
C8 NAG K . -0.39 -38.78 11.87
N2 NAG K . 1.32 -38.03 13.40
O3 NAG K . 2.09 -40.16 15.31
O4 NAG K . 3.18 -38.92 17.74
O5 NAG K . 4.46 -36.90 14.96
O6 NAG K . 6.57 -37.60 16.42
O7 NAG K . 1.93 -39.15 11.52
C1 GAL L . -12.78 -22.56 12.02
C2 GAL L . -14.15 -22.23 12.59
C3 GAL L . -14.02 -21.48 13.92
C4 GAL L . -12.92 -22.01 14.87
C5 GAL L . -11.69 -22.56 14.12
C6 GAL L . -10.75 -23.37 15.02
O1 GAL L . -12.86 -23.25 10.77
O2 GAL L . -14.89 -21.45 11.65
O3 GAL L . -15.29 -21.43 14.59
O4 GAL L . -13.46 -22.95 15.80
O5 GAL L . -12.07 -23.35 12.99
O6 GAL L . -9.49 -23.56 14.37
S SO4 M . -25.05 -12.02 13.29
O1 SO4 M . -23.87 -12.21 14.14
O2 SO4 M . -26.18 -12.67 13.94
O3 SO4 M . -25.31 -10.60 13.13
O4 SO4 M . -24.81 -12.64 11.98
C ACY N . 6.40 -29.12 23.75
O ACY N . 6.44 -29.33 24.98
OXT ACY N . 6.75 -28.04 23.23
CH3 ACY N . 5.89 -30.23 22.88
C ACY O . 27.34 -14.73 28.52
O ACY O . 26.20 -14.80 29.02
OXT ACY O . 27.67 -15.30 27.46
CH3 ACY O . 28.39 -13.91 29.23
#